data_9FMB
#
_entry.id   9FMB
#
_cell.length_a   105.825
_cell.length_b   43.667
_cell.length_c   121.470
_cell.angle_alpha   90.00
_cell.angle_beta   107.96
_cell.angle_gamma   90.00
#
_symmetry.space_group_name_H-M   'P 1 21 1'
#
loop_
_entity.id
_entity.type
_entity.pdbx_description
1 polymer 'Isoform 1 of Immunoglobulin heavy constant delta'
2 branched alpha-D-mannopyranose-(1-2)-alpha-D-mannopyranose-(1-3)-[alpha-D-mannopyranose-(1-3)-alpha-D-mannopyranose-(1-6)]beta-D-mannopyranose-(1-4)-2-acetamido-2-deoxy-beta-D-glucopyranose-(1-4)-2-acetamido-2-deoxy-beta-D-glucopyranose
3 branched alpha-D-mannopyranose-(1-2)-alpha-D-mannopyranose-(1-2)-alpha-D-mannopyranose-(1-3)-[alpha-D-mannopyranose-(1-3)-[alpha-D-mannopyranose-(1-6)]alpha-D-mannopyranose-(1-6)]beta-D-mannopyranose-(1-4)-2-acetamido-2-deoxy-beta-D-glucopyranose-(1-4)-2-acetamido-2-deoxy-beta-D-glucopyranose
4 branched alpha-D-mannopyranose-(1-2)-alpha-D-mannopyranose-(1-3)-[alpha-D-mannopyranose-(1-6)]beta-D-mannopyranose-(1-4)-2-acetamido-2-deoxy-beta-D-glucopyranose-(1-4)-2-acetamido-2-deoxy-beta-D-glucopyranose
5 non-polymer 2-acetamido-2-deoxy-beta-D-glucopyranose
6 non-polymer DI(HYDROXYETHYL)ETHER
7 non-polymer 'ACETATE ION'
8 non-polymer 1,2-ETHANEDIOL
9 water water
#
_entity_poly.entity_id   1
_entity_poly.type   'polypeptide(L)'
_entity_poly.pdbx_seq_one_letter_code
;KTPECPSHTQPLGVYLLTPAVQDLWLRDKATFTCFVVGSDLKDAHLTWEVAGKVPTGGVEEGLLERHSNGSQSQHSRLTL
PRSLWNAGTSVTCTLNHPSLPPQRLMALREPAAQAPVKLSLNLLASSDPPEAASWLLCEVSGFSPPNILLMWLEDQREVN
TSGFAPARPPPQPRSTTFWAWSVLRVPAPPSPQPATYTCVVSHEDSRTLLNASRSLEVSYVTDHGPMKHHHHHH
;
_entity_poly.pdbx_strand_id   A,B,C,D
#
# COMPACT_ATOMS: atom_id res chain seq x y z
N THR A 9 16.98 -30.38 -15.78
CA THR A 9 16.84 -29.08 -15.13
C THR A 9 15.63 -28.33 -15.68
N GLN A 10 15.01 -27.52 -14.83
CA GLN A 10 13.81 -26.87 -15.33
C GLN A 10 14.15 -25.53 -15.97
N PRO A 11 13.42 -25.14 -17.01
CA PRO A 11 13.49 -23.76 -17.48
C PRO A 11 12.81 -22.83 -16.48
N LEU A 12 13.33 -21.60 -16.40
CA LEU A 12 12.73 -20.57 -15.57
C LEU A 12 12.69 -19.27 -16.35
N GLY A 13 11.50 -18.70 -16.49
CA GLY A 13 11.34 -17.41 -17.14
C GLY A 13 10.84 -16.37 -16.15
N VAL A 14 11.69 -15.40 -15.81
CA VAL A 14 11.40 -14.40 -14.80
C VAL A 14 11.23 -13.04 -15.48
N TYR A 15 10.22 -12.29 -15.05
CA TYR A 15 9.89 -11.02 -15.66
C TYR A 15 9.63 -9.98 -14.58
N LEU A 16 9.91 -8.73 -14.90
CA LEU A 16 9.67 -7.60 -14.01
C LEU A 16 8.78 -6.60 -14.73
N LEU A 17 7.56 -6.41 -14.22
CA LEU A 17 6.60 -5.49 -14.82
C LEU A 17 6.61 -4.17 -14.07
N THR A 18 6.80 -3.08 -14.82
CA THR A 18 6.79 -1.74 -14.28
C THR A 18 5.35 -1.30 -14.00
N PRO A 19 5.16 -0.34 -13.08
CA PRO A 19 3.79 0.06 -12.73
C PRO A 19 3.07 0.72 -13.89
N ALA A 20 1.74 0.58 -13.89
CA ALA A 20 0.90 1.13 -14.93
C ALA A 20 0.51 2.57 -14.59
N VAL A 21 -0.10 3.23 -15.58
CA VAL A 21 -0.55 4.61 -15.37
C VAL A 21 -1.66 4.67 -14.32
N GLN A 22 -2.58 3.70 -14.35
CA GLN A 22 -3.72 3.73 -13.46
C GLN A 22 -3.30 3.77 -12.00
N ASP A 23 -2.36 2.90 -11.62
CA ASP A 23 -1.84 2.93 -10.25
C ASP A 23 -1.17 4.26 -9.94
N LEU A 24 -0.39 4.78 -10.88
CA LEU A 24 0.39 5.98 -10.62
C LEU A 24 -0.48 7.23 -10.59
N TRP A 25 -1.58 7.24 -11.34
CA TRP A 25 -2.42 8.43 -11.41
C TRP A 25 -3.61 8.35 -10.45
N LEU A 26 -4.35 7.24 -10.50
CA LEU A 26 -5.57 7.13 -9.71
C LEU A 26 -5.31 6.73 -8.26
N ARG A 27 -4.15 6.17 -7.94
CA ARG A 27 -3.88 5.69 -6.58
C ARG A 27 -2.59 6.19 -5.97
N ASP A 28 -1.84 7.08 -6.65
CA ASP A 28 -0.63 7.68 -6.11
C ASP A 28 0.39 6.62 -5.68
N LYS A 29 0.36 5.45 -6.33
CA LYS A 29 1.24 4.36 -5.98
C LYS A 29 1.86 3.76 -7.24
N ALA A 30 3.03 3.16 -7.05
CA ALA A 30 3.75 2.47 -8.13
C ALA A 30 3.95 1.02 -7.70
N THR A 31 3.26 0.09 -8.37
CA THR A 31 3.31 -1.32 -8.03
C THR A 31 4.16 -2.05 -9.05
N PHE A 32 5.29 -2.62 -8.59
CA PHE A 32 6.15 -3.45 -9.42
C PHE A 32 5.80 -4.91 -9.19
N THR A 33 5.65 -5.67 -10.27
CA THR A 33 5.28 -7.08 -10.20
C THR A 33 6.40 -7.90 -10.82
N CYS A 34 6.92 -8.85 -10.04
CA CYS A 34 8.01 -9.72 -10.46
C CYS A 34 7.54 -11.16 -10.33
N PHE A 35 7.46 -11.88 -11.45
CA PHE A 35 6.97 -13.24 -11.42
C PHE A 35 7.85 -14.14 -12.27
N VAL A 36 8.01 -15.38 -11.79
CA VAL A 36 8.80 -16.41 -12.46
C VAL A 36 7.85 -17.50 -12.94
N VAL A 37 8.02 -17.94 -14.18
CA VAL A 37 7.28 -19.07 -14.74
C VAL A 37 8.21 -20.27 -14.75
N GLY A 38 7.72 -21.41 -14.26
CA GLY A 38 8.59 -22.58 -14.18
C GLY A 38 7.83 -23.88 -14.10
N SER A 39 8.60 -24.97 -14.08
CA SER A 39 8.02 -26.29 -13.97
C SER A 39 7.84 -26.70 -12.50
N ASP A 40 8.73 -26.23 -11.63
CA ASP A 40 8.72 -26.62 -10.22
C ASP A 40 9.32 -25.45 -9.43
N LEU A 41 8.45 -24.51 -9.03
CA LEU A 41 8.85 -23.31 -8.32
C LEU A 41 8.81 -23.47 -6.81
N LYS A 42 9.01 -24.70 -6.29
CA LYS A 42 8.91 -24.93 -4.85
C LYS A 42 9.97 -24.15 -4.09
N ASP A 43 11.24 -24.34 -4.45
CA ASP A 43 12.37 -23.72 -3.76
C ASP A 43 12.92 -22.50 -4.49
N ALA A 44 12.22 -22.03 -5.53
CA ALA A 44 12.59 -20.80 -6.22
C ALA A 44 11.87 -19.63 -5.55
N HIS A 45 12.65 -18.64 -5.12
CA HIS A 45 12.12 -17.53 -4.34
C HIS A 45 12.52 -16.20 -4.96
N LEU A 46 11.66 -15.21 -4.77
CA LEU A 46 11.85 -13.87 -5.29
C LEU A 46 12.13 -12.91 -4.14
N THR A 47 13.26 -12.21 -4.23
CA THR A 47 13.67 -11.22 -3.25
C THR A 47 13.67 -9.84 -3.88
N TRP A 48 13.47 -8.82 -3.06
CA TRP A 48 13.33 -7.45 -3.53
C TRP A 48 14.42 -6.55 -2.97
N GLU A 49 14.69 -5.47 -3.69
CA GLU A 49 15.64 -4.45 -3.26
C GLU A 49 15.21 -3.11 -3.84
N VAL A 50 14.92 -2.15 -2.97
CA VAL A 50 14.56 -0.79 -3.38
C VAL A 50 15.76 0.10 -3.07
N ALA A 51 16.37 0.64 -4.12
CA ALA A 51 17.57 1.48 -3.98
C ALA A 51 18.65 0.76 -3.18
N GLY A 52 18.79 -0.54 -3.43
CA GLY A 52 19.83 -1.35 -2.81
C GLY A 52 19.55 -1.84 -1.41
N LYS A 53 18.41 -1.48 -0.83
CA LYS A 53 18.04 -1.94 0.50
C LYS A 53 16.87 -2.91 0.39
N VAL A 54 16.86 -3.90 1.27
CA VAL A 54 15.69 -4.77 1.39
C VAL A 54 14.51 -3.93 1.86
N PRO A 55 13.34 -4.04 1.23
CA PRO A 55 12.23 -3.14 1.56
C PRO A 55 11.77 -3.28 3.00
N THR A 56 11.39 -2.14 3.58
CA THR A 56 10.79 -2.14 4.91
C THR A 56 9.40 -2.75 4.87
N GLY A 57 8.57 -2.27 3.94
CA GLY A 57 7.22 -2.79 3.76
C GLY A 57 6.77 -2.50 2.35
N GLY A 58 5.58 -3.03 2.03
CA GLY A 58 5.01 -2.88 0.70
C GLY A 58 5.18 -4.07 -0.21
N VAL A 59 5.75 -5.17 0.28
CA VAL A 59 5.92 -6.39 -0.51
C VAL A 59 4.81 -7.35 -0.11
N GLU A 60 4.08 -7.87 -1.10
CA GLU A 60 2.99 -8.81 -0.89
C GLU A 60 3.19 -9.98 -1.84
N GLU A 61 3.79 -11.06 -1.34
CA GLU A 61 4.10 -12.22 -2.16
C GLU A 61 2.82 -12.92 -2.60
N GLY A 62 2.73 -13.26 -3.87
CA GLY A 62 1.59 -13.98 -4.40
C GLY A 62 1.66 -15.46 -4.09
N LEU A 63 0.69 -16.19 -4.64
CA LEU A 63 0.54 -17.62 -4.40
C LEU A 63 0.98 -18.41 -5.63
N LEU A 64 1.53 -19.60 -5.36
CA LEU A 64 1.93 -20.49 -6.44
C LEU A 64 0.71 -20.95 -7.23
N GLU A 65 0.86 -21.04 -8.55
CA GLU A 65 -0.23 -21.38 -9.44
C GLU A 65 0.16 -22.58 -10.30
N ARG A 66 -0.49 -23.72 -10.08
CA ARG A 66 -0.45 -24.80 -11.06
C ARG A 66 -1.12 -24.32 -12.35
N HIS A 67 -0.70 -24.92 -13.47
CA HIS A 67 -1.25 -24.58 -14.78
C HIS A 67 -1.55 -25.86 -15.55
N SER A 68 -2.55 -25.77 -16.44
CA SER A 68 -3.01 -26.93 -17.18
C SER A 68 -1.88 -27.58 -17.98
N ASN A 69 -1.00 -26.76 -18.55
CA ASN A 69 0.08 -27.26 -19.40
C ASN A 69 1.26 -27.83 -18.60
N GLY A 70 1.12 -27.98 -17.29
CA GLY A 70 2.19 -28.51 -16.46
C GLY A 70 3.13 -27.48 -15.88
N SER A 71 3.08 -26.24 -16.36
CA SER A 71 3.95 -25.20 -15.83
C SER A 71 3.39 -24.64 -14.51
N GLN A 72 4.21 -23.85 -13.84
CA GLN A 72 3.84 -23.20 -12.59
C GLN A 72 4.27 -21.75 -12.63
N SER A 73 3.46 -20.89 -11.99
CA SER A 73 3.74 -19.47 -11.94
C SER A 73 3.61 -18.98 -10.50
N GLN A 74 4.56 -18.15 -10.08
CA GLN A 74 4.52 -17.52 -8.77
C GLN A 74 4.99 -16.08 -8.93
N HIS A 75 4.34 -15.16 -8.21
CA HIS A 75 4.60 -13.74 -8.39
C HIS A 75 4.75 -13.07 -7.03
N SER A 76 5.38 -11.89 -7.07
CA SER A 76 5.56 -11.04 -5.91
C SER A 76 5.35 -9.59 -6.33
N ARG A 77 4.68 -8.82 -5.47
CA ARG A 77 4.33 -7.45 -5.78
C ARG A 77 4.97 -6.50 -4.78
N LEU A 78 5.50 -5.39 -5.28
CA LEU A 78 6.08 -4.34 -4.46
C LEU A 78 5.42 -3.02 -4.83
N THR A 79 4.92 -2.30 -3.83
CA THR A 79 4.24 -1.03 -4.03
C THR A 79 5.08 0.09 -3.45
N LEU A 80 5.38 1.10 -4.28
CA LEU A 80 6.09 2.28 -3.82
C LEU A 80 5.18 3.49 -3.82
N PRO A 81 5.42 4.45 -2.91
CA PRO A 81 4.76 5.75 -3.06
C PRO A 81 5.18 6.40 -4.38
N ARG A 82 4.23 7.08 -5.02
CA ARG A 82 4.50 7.70 -6.31
C ARG A 82 5.65 8.71 -6.20
N SER A 83 5.84 9.31 -5.04
CA SER A 83 6.97 10.23 -4.84
C SER A 83 8.29 9.52 -5.09
N LEU A 84 8.44 8.29 -4.55
CA LEU A 84 9.65 7.51 -4.83
C LEU A 84 9.81 7.21 -6.31
N TRP A 85 8.69 7.01 -7.02
CA TRP A 85 8.75 6.72 -8.44
C TRP A 85 9.26 7.93 -9.22
N ASN A 86 8.57 9.07 -9.09
CA ASN A 86 8.99 10.27 -9.82
C ASN A 86 10.41 10.69 -9.46
N ALA A 87 10.88 10.33 -8.27
CA ALA A 87 12.24 10.69 -7.87
C ALA A 87 13.30 9.87 -8.60
N GLY A 88 12.91 8.77 -9.24
CA GLY A 88 13.84 7.93 -9.94
C GLY A 88 14.43 6.80 -9.11
N THR A 89 13.67 6.25 -8.18
CA THR A 89 14.17 5.18 -7.31
C THR A 89 14.45 3.93 -8.14
N SER A 90 15.38 3.11 -7.63
CA SER A 90 15.76 1.85 -8.28
C SER A 90 15.05 0.70 -7.58
N VAL A 91 14.42 -0.17 -8.37
CA VAL A 91 13.75 -1.37 -7.89
C VAL A 91 14.42 -2.57 -8.53
N THR A 92 14.86 -3.52 -7.71
CA THR A 92 15.62 -4.68 -8.20
C THR A 92 15.00 -5.95 -7.62
N CYS A 93 14.43 -6.78 -8.49
CA CYS A 93 13.94 -8.09 -8.11
C CYS A 93 14.98 -9.15 -8.44
N THR A 94 15.05 -10.17 -7.59
CA THR A 94 16.01 -11.26 -7.75
C THR A 94 15.29 -12.60 -7.68
N LEU A 95 15.69 -13.51 -8.56
CA LEU A 95 15.17 -14.87 -8.59
C LEU A 95 16.26 -15.82 -8.11
N ASN A 96 16.02 -16.48 -6.99
CA ASN A 96 16.99 -17.37 -6.36
C ASN A 96 16.46 -18.80 -6.42
N HIS A 97 17.17 -19.66 -7.14
CA HIS A 97 16.85 -21.08 -7.21
C HIS A 97 18.14 -21.86 -7.00
N PRO A 98 18.14 -22.88 -6.13
CA PRO A 98 19.40 -23.58 -5.83
C PRO A 98 20.05 -24.24 -7.03
N SER A 99 19.32 -24.46 -8.12
CA SER A 99 19.89 -25.10 -9.30
C SER A 99 20.46 -24.12 -10.31
N LEU A 100 20.24 -22.82 -10.13
CA LEU A 100 20.67 -21.81 -11.08
C LEU A 100 21.35 -20.65 -10.35
N PRO A 101 22.26 -19.95 -11.03
CA PRO A 101 22.79 -18.69 -10.47
C PRO A 101 21.69 -17.66 -10.35
N PRO A 102 21.84 -16.67 -9.47
CA PRO A 102 20.76 -15.70 -9.27
C PRO A 102 20.51 -14.87 -10.52
N GLN A 103 19.25 -14.55 -10.75
CA GLN A 103 18.80 -13.75 -11.90
C GLN A 103 18.15 -12.49 -11.37
N ARG A 104 18.80 -11.35 -11.60
CA ARG A 104 18.27 -10.05 -11.17
C ARG A 104 17.63 -9.33 -12.35
N LEU A 105 16.50 -8.68 -12.08
CA LEU A 105 15.89 -7.75 -13.01
C LEU A 105 15.73 -6.41 -12.31
N MET A 106 15.89 -5.33 -13.08
CA MET A 106 15.93 -3.99 -12.52
C MET A 106 15.02 -3.05 -13.31
N ALA A 107 14.34 -2.18 -12.59
CA ALA A 107 13.56 -1.08 -13.16
C ALA A 107 14.07 0.20 -12.52
N LEU A 108 14.84 0.98 -13.28
CA LEU A 108 15.51 2.16 -12.79
C LEU A 108 15.41 3.26 -13.83
N ARG A 109 15.45 4.50 -13.36
CA ARG A 109 15.50 5.62 -14.29
C ARG A 109 16.80 5.57 -15.07
N GLU A 110 16.70 5.60 -16.39
CA GLU A 110 17.90 5.44 -17.20
C GLU A 110 18.55 6.79 -17.45
N PRO A 111 19.86 6.93 -17.22
CA PRO A 111 20.52 8.20 -17.58
C PRO A 111 20.41 8.53 -19.05
N ALA A 112 20.44 7.51 -19.91
CA ALA A 112 20.33 7.70 -21.36
C ALA A 112 18.90 7.88 -21.84
N ALA A 113 17.94 8.05 -20.92
CA ALA A 113 16.53 8.15 -21.26
C ALA A 113 16.07 9.60 -21.21
N GLN A 114 15.31 10.01 -22.22
CA GLN A 114 14.81 11.37 -22.35
C GLN A 114 13.36 11.43 -21.93
N ALA A 115 13.05 12.36 -21.01
CA ALA A 115 11.70 12.53 -20.53
C ALA A 115 10.82 13.11 -21.63
N PRO A 116 9.51 12.80 -21.62
CA PRO A 116 8.63 13.38 -22.63
C PRO A 116 8.42 14.88 -22.37
N VAL A 117 8.93 15.72 -23.27
CA VAL A 117 8.97 17.16 -23.02
C VAL A 117 7.56 17.73 -22.89
N LYS A 118 6.71 17.48 -23.89
CA LYS A 118 5.41 18.14 -23.96
C LYS A 118 4.33 17.15 -24.33
N LEU A 119 3.16 17.31 -23.70
CA LEU A 119 1.97 16.55 -24.04
C LEU A 119 0.88 17.52 -24.46
N SER A 120 0.22 17.21 -25.57
CA SER A 120 -0.74 18.11 -26.19
C SER A 120 -2.08 17.41 -26.37
N LEU A 121 -3.15 18.04 -25.91
CA LEU A 121 -4.50 17.50 -26.03
C LEU A 121 -5.41 18.55 -26.65
N ASN A 122 -6.01 18.23 -27.79
CA ASN A 122 -7.00 19.09 -28.44
C ASN A 122 -8.06 18.20 -29.09
N LEU A 123 -8.98 18.83 -29.81
CA LEU A 123 -10.11 18.14 -30.42
C LEU A 123 -9.99 18.14 -31.93
N LEU A 124 -10.54 17.10 -32.56
CA LEU A 124 -10.35 16.88 -33.98
C LEU A 124 -11.63 16.84 -34.81
N ALA A 125 -12.76 16.44 -34.23
CA ALA A 125 -13.99 16.34 -35.03
C ALA A 125 -15.19 16.24 -34.10
N SER A 126 -16.37 16.29 -34.71
CA SER A 126 -17.63 16.14 -33.99
C SER A 126 -18.63 15.31 -34.81
N ALA A 133 -20.57 12.63 -32.16
CA ALA A 133 -19.47 12.01 -31.45
C ALA A 133 -18.20 12.85 -31.56
N SER A 134 -17.57 13.11 -30.42
CA SER A 134 -16.34 13.90 -30.36
C SER A 134 -15.12 12.99 -30.35
N TRP A 135 -14.06 13.45 -30.99
CA TRP A 135 -12.82 12.69 -31.13
C TRP A 135 -11.69 13.51 -30.53
N LEU A 136 -11.10 13.01 -29.45
CA LEU A 136 -10.10 13.73 -28.68
C LEU A 136 -8.72 13.15 -28.94
N LEU A 137 -7.80 14.00 -29.36
CA LEU A 137 -6.45 13.60 -29.76
C LEU A 137 -5.46 14.02 -28.69
N CYS A 138 -4.73 13.06 -28.15
CA CYS A 138 -3.65 13.31 -27.21
C CYS A 138 -2.32 13.00 -27.88
N GLU A 139 -1.39 13.94 -27.82
CA GLU A 139 -0.07 13.78 -28.43
C GLU A 139 1.00 14.03 -27.39
N VAL A 140 2.06 13.23 -27.43
CA VAL A 140 3.23 13.43 -26.59
C VAL A 140 4.47 13.17 -27.45
N SER A 141 5.50 13.99 -27.27
CA SER A 141 6.66 13.96 -28.14
C SER A 141 7.93 14.11 -27.32
N GLY A 142 9.06 13.84 -27.98
CA GLY A 142 10.36 14.09 -27.40
C GLY A 142 10.74 13.18 -26.25
N PHE A 143 10.60 11.86 -26.43
CA PHE A 143 10.96 10.92 -25.39
C PHE A 143 11.64 9.70 -26.02
N SER A 144 12.45 9.02 -25.19
CA SER A 144 13.17 7.81 -25.58
C SER A 144 13.65 7.12 -24.31
N PRO A 145 13.61 5.78 -24.23
CA PRO A 145 13.09 4.76 -25.14
C PRO A 145 11.59 4.91 -25.46
N PRO A 146 11.11 4.23 -26.51
CA PRO A 146 9.73 4.46 -26.98
C PRO A 146 8.64 3.77 -26.17
N ASN A 147 8.96 3.10 -25.07
CA ASN A 147 7.94 2.41 -24.30
C ASN A 147 7.09 3.43 -23.54
N ILE A 148 5.79 3.45 -23.85
CA ILE A 148 4.89 4.51 -23.44
C ILE A 148 3.58 3.91 -22.99
N LEU A 149 2.97 4.52 -21.97
CA LEU A 149 1.69 4.08 -21.43
C LEU A 149 0.75 5.27 -21.38
N LEU A 150 -0.44 5.12 -21.98
CA LEU A 150 -1.41 6.20 -22.06
C LEU A 150 -2.73 5.75 -21.47
N MET A 151 -3.43 6.70 -20.85
CA MET A 151 -4.73 6.47 -20.23
C MET A 151 -5.66 7.62 -20.55
N TRP A 152 -6.95 7.29 -20.69
CA TRP A 152 -8.00 8.29 -20.88
C TRP A 152 -8.94 8.27 -19.69
N LEU A 153 -9.46 9.45 -19.35
CA LEU A 153 -10.35 9.59 -18.21
C LEU A 153 -11.45 10.59 -18.54
N GLU A 154 -12.56 10.46 -17.81
CA GLU A 154 -13.74 11.30 -18.01
C GLU A 154 -14.28 11.65 -16.63
N ASP A 155 -13.92 12.83 -16.13
CA ASP A 155 -14.28 13.29 -14.78
C ASP A 155 -13.80 12.29 -13.73
N GLN A 156 -12.48 12.08 -13.71
CA GLN A 156 -11.77 11.23 -12.77
C GLN A 156 -12.15 9.76 -12.89
N ARG A 157 -12.85 9.37 -13.95
CA ARG A 157 -13.22 7.98 -14.19
C ARG A 157 -12.59 7.51 -15.50
N GLU A 158 -12.03 6.30 -15.48
CA GLU A 158 -11.25 5.81 -16.61
C GLU A 158 -12.15 5.49 -17.80
N VAL A 159 -11.59 5.67 -19.00
CA VAL A 159 -12.27 5.40 -20.26
C VAL A 159 -11.34 4.57 -21.13
N ASN A 160 -11.91 3.63 -21.88
CA ASN A 160 -11.13 2.73 -22.72
C ASN A 160 -11.39 2.86 -24.21
N THR A 161 -12.45 3.55 -24.62
CA THR A 161 -12.77 3.62 -26.04
C THR A 161 -11.78 4.53 -26.78
N SER A 162 -10.56 4.02 -27.00
CA SER A 162 -9.49 4.81 -27.58
C SER A 162 -8.67 3.95 -28.55
N GLY A 163 -8.05 4.61 -29.52
CA GLY A 163 -7.18 3.93 -30.46
C GLY A 163 -5.77 4.49 -30.41
N PHE A 164 -4.85 3.73 -29.84
CA PHE A 164 -3.50 4.20 -29.55
C PHE A 164 -2.55 3.86 -30.68
N ALA A 165 -1.77 4.85 -31.12
CA ALA A 165 -0.74 4.64 -32.12
C ALA A 165 0.62 4.50 -31.43
N PRO A 166 1.32 3.40 -31.61
CA PRO A 166 2.60 3.19 -30.91
C PRO A 166 3.65 4.21 -31.32
N ALA A 167 4.73 4.25 -30.55
CA ALA A 167 5.73 5.29 -30.70
C ALA A 167 6.50 5.14 -32.01
N ARG A 168 6.53 6.19 -32.79
CA ARG A 168 7.20 6.30 -34.09
C ARG A 168 8.27 7.39 -34.02
N PRO A 169 9.31 7.30 -34.87
CA PRO A 169 10.39 8.31 -34.91
C PRO A 169 9.89 9.76 -34.96
N ARG A 174 15.49 14.36 -38.75
CA ARG A 174 16.32 14.71 -37.61
C ARG A 174 15.60 14.39 -36.30
N SER A 175 16.16 13.49 -35.52
CA SER A 175 15.50 13.06 -34.30
C SER A 175 16.50 12.37 -33.37
N THR A 176 16.25 12.52 -32.07
CA THR A 176 16.79 11.66 -31.04
C THR A 176 15.67 10.93 -30.32
N THR A 177 14.43 11.20 -30.69
CA THR A 177 13.27 10.85 -29.87
C THR A 177 12.21 10.07 -30.64
N PHE A 178 11.06 9.89 -30.01
CA PHE A 178 9.90 9.22 -30.60
C PHE A 178 8.66 10.03 -30.24
N TRP A 179 7.54 9.71 -30.90
CA TRP A 179 6.30 10.38 -30.59
C TRP A 179 5.14 9.44 -30.86
N ALA A 180 4.09 9.59 -30.06
CA ALA A 180 2.92 8.73 -30.13
C ALA A 180 1.66 9.57 -29.94
N TRP A 181 0.52 8.98 -30.30
CA TRP A 181 -0.76 9.65 -30.13
C TRP A 181 -1.86 8.61 -30.01
N SER A 182 -2.91 8.98 -29.30
CA SER A 182 -4.09 8.15 -29.14
C SER A 182 -5.34 9.01 -29.36
N VAL A 183 -6.28 8.47 -30.12
CA VAL A 183 -7.54 9.14 -30.43
C VAL A 183 -8.64 8.50 -29.61
N LEU A 184 -9.39 9.32 -28.88
CA LEU A 184 -10.50 8.88 -28.05
C LEU A 184 -11.79 9.38 -28.68
N ARG A 185 -12.70 8.46 -28.98
CA ARG A 185 -14.02 8.83 -29.50
C ARG A 185 -15.04 8.63 -28.39
N VAL A 186 -15.81 9.68 -28.10
CA VAL A 186 -16.81 9.64 -27.05
C VAL A 186 -18.18 9.90 -27.68
N PRO A 187 -19.21 9.16 -27.28
CA PRO A 187 -20.50 9.31 -27.93
C PRO A 187 -21.11 10.69 -27.70
N ALA A 188 -21.79 11.19 -28.72
CA ALA A 188 -22.52 12.44 -28.58
C ALA A 188 -23.63 12.26 -27.55
N PRO A 189 -23.70 13.10 -26.51
CA PRO A 189 -24.70 12.97 -25.44
C PRO A 189 -26.10 13.36 -25.88
N GLN A 193 -24.43 17.21 -20.49
CA GLN A 193 -23.58 17.56 -19.36
C GLN A 193 -22.13 17.75 -19.82
N PRO A 194 -21.58 18.93 -19.61
CA PRO A 194 -20.19 19.17 -20.01
C PRO A 194 -19.23 18.30 -19.23
N ALA A 195 -18.06 18.06 -19.84
CA ALA A 195 -17.07 17.18 -19.25
C ALA A 195 -15.68 17.68 -19.59
N THR A 196 -14.73 17.40 -18.69
CA THR A 196 -13.32 17.68 -18.90
C THR A 196 -12.58 16.34 -19.02
N TYR A 197 -11.87 16.16 -20.13
CA TYR A 197 -11.12 14.95 -20.38
C TYR A 197 -9.65 15.16 -20.02
N THR A 198 -9.08 14.17 -19.35
CA THR A 198 -7.68 14.21 -18.98
C THR A 198 -6.93 13.07 -19.67
N CYS A 199 -5.79 13.39 -20.26
CA CYS A 199 -4.92 12.41 -20.89
C CYS A 199 -3.65 12.28 -20.06
N VAL A 200 -3.39 11.07 -19.55
CA VAL A 200 -2.25 10.81 -18.69
C VAL A 200 -1.31 9.85 -19.40
N VAL A 201 -0.03 10.21 -19.43
CA VAL A 201 1.01 9.38 -20.06
C VAL A 201 2.14 9.20 -19.06
N SER A 202 2.58 7.96 -18.90
CA SER A 202 3.69 7.63 -18.01
C SER A 202 4.80 6.99 -18.83
N HIS A 203 5.93 7.68 -18.92
CA HIS A 203 7.15 7.11 -19.47
C HIS A 203 7.93 6.50 -18.32
N GLU A 204 8.19 5.20 -18.39
CA GLU A 204 8.69 4.50 -17.21
C GLU A 204 10.20 4.62 -17.05
N ASP A 205 10.95 4.47 -18.15
CA ASP A 205 12.41 4.55 -18.05
C ASP A 205 12.91 5.96 -17.75
N SER A 206 12.11 6.98 -18.04
CA SER A 206 12.34 8.34 -17.56
C SER A 206 11.10 8.68 -16.74
N ARG A 207 11.16 8.42 -15.44
CA ARG A 207 9.97 8.39 -14.60
C ARG A 207 9.21 9.71 -14.60
N THR A 208 8.55 9.99 -15.72
CA THR A 208 7.68 11.13 -15.92
C THR A 208 6.23 10.66 -15.92
N LEU A 209 5.34 11.53 -15.45
CA LEU A 209 3.90 11.24 -15.52
C LEU A 209 3.23 12.53 -16.00
N LEU A 210 3.05 12.62 -17.31
CA LEU A 210 2.32 13.75 -17.86
C LEU A 210 0.82 13.53 -17.72
N ASN A 211 0.10 14.63 -17.87
CA ASN A 211 -1.34 14.72 -17.62
C ASN A 211 -1.77 16.05 -18.23
N ALA A 212 -2.90 16.04 -18.91
CA ALA A 212 -3.43 17.27 -19.48
C ALA A 212 -4.94 17.25 -19.44
N SER A 213 -5.52 18.43 -19.39
CA SER A 213 -6.96 18.59 -19.35
C SER A 213 -7.40 19.50 -20.48
N ARG A 214 -8.44 19.06 -21.20
CA ARG A 214 -9.15 19.88 -22.15
C ARG A 214 -10.64 19.64 -21.92
N SER A 215 -11.45 20.66 -22.21
CA SER A 215 -12.86 20.64 -21.87
C SER A 215 -13.71 20.85 -23.11
N LEU A 216 -14.94 20.34 -23.05
CA LEU A 216 -15.92 20.56 -24.10
C LEU A 216 -17.29 20.85 -23.49
N PRO B 6 11.92 -43.97 -12.82
CA PRO B 6 10.96 -43.86 -13.92
C PRO B 6 11.06 -42.55 -14.67
N SER B 7 9.95 -42.10 -15.24
CA SER B 7 9.91 -40.88 -16.03
C SER B 7 8.80 -39.96 -15.54
N HIS B 8 9.04 -38.65 -15.66
CA HIS B 8 8.05 -37.64 -15.32
C HIS B 8 7.88 -36.70 -16.51
N THR B 9 6.62 -36.36 -16.80
CA THR B 9 6.34 -35.55 -17.97
C THR B 9 6.78 -34.11 -17.74
N GLN B 10 6.73 -33.33 -18.82
CA GLN B 10 7.27 -31.99 -18.89
C GLN B 10 6.17 -30.99 -19.21
N PRO B 11 6.38 -29.70 -18.91
CA PRO B 11 5.46 -28.67 -19.43
C PRO B 11 5.57 -28.57 -20.95
N LEU B 12 4.42 -28.68 -21.61
CA LEU B 12 4.32 -28.56 -23.06
C LEU B 12 3.14 -27.65 -23.39
N GLY B 13 3.42 -26.57 -24.11
CA GLY B 13 2.39 -25.61 -24.48
C GLY B 13 2.28 -25.42 -25.98
N VAL B 14 1.14 -25.80 -26.56
CA VAL B 14 0.93 -25.73 -28.00
C VAL B 14 0.07 -24.53 -28.33
N TYR B 15 0.40 -23.84 -29.42
CA TYR B 15 -0.30 -22.64 -29.84
C TYR B 15 -0.46 -22.66 -31.35
N LEU B 16 -1.43 -21.88 -31.84
CA LEU B 16 -1.75 -21.83 -33.26
C LEU B 16 -2.04 -20.40 -33.67
N LEU B 17 -1.22 -19.87 -34.58
CA LEU B 17 -1.46 -18.55 -35.15
C LEU B 17 -2.26 -18.67 -36.44
N THR B 18 -3.12 -17.71 -36.68
CA THR B 18 -3.94 -17.63 -37.87
C THR B 18 -3.40 -16.58 -38.83
N PRO B 19 -3.75 -16.67 -40.12
CA PRO B 19 -3.15 -15.77 -41.10
C PRO B 19 -3.41 -14.31 -40.79
N ALA B 20 -2.50 -13.46 -41.26
CA ALA B 20 -2.56 -12.02 -41.05
C ALA B 20 -3.17 -11.33 -42.27
N VAL B 21 -3.59 -10.08 -42.07
CA VAL B 21 -4.20 -9.30 -43.14
C VAL B 21 -3.23 -9.16 -44.31
N GLN B 22 -2.01 -8.71 -44.01
CA GLN B 22 -0.99 -8.54 -45.05
C GLN B 22 -0.79 -9.83 -45.84
N ASP B 23 -0.77 -10.97 -45.15
CA ASP B 23 -0.60 -12.26 -45.83
C ASP B 23 -1.71 -12.49 -46.85
N LEU B 24 -2.96 -12.30 -46.44
CA LEU B 24 -4.09 -12.55 -47.33
C LEU B 24 -4.17 -11.50 -48.42
N TRP B 25 -4.09 -10.22 -48.04
CA TRP B 25 -4.36 -9.15 -48.99
C TRP B 25 -3.21 -8.92 -49.96
N LEU B 26 -1.97 -9.12 -49.54
CA LEU B 26 -0.82 -8.83 -50.40
C LEU B 26 -0.34 -10.05 -51.17
N ARG B 27 -0.40 -11.24 -50.55
CA ARG B 27 0.17 -12.44 -51.15
C ARG B 27 -0.87 -13.47 -51.58
N ASP B 28 -2.14 -13.28 -51.22
CA ASP B 28 -3.20 -14.27 -51.50
C ASP B 28 -2.83 -15.64 -50.95
N LYS B 29 -2.15 -15.67 -49.80
CA LYS B 29 -1.82 -16.91 -49.13
C LYS B 29 -2.17 -16.79 -47.66
N ALA B 30 -2.69 -17.89 -47.10
CA ALA B 30 -3.15 -17.95 -45.71
C ALA B 30 -2.24 -18.92 -44.97
N THR B 31 -1.30 -18.39 -44.19
CA THR B 31 -0.33 -19.20 -43.47
C THR B 31 -0.77 -19.37 -42.02
N PHE B 32 -0.95 -20.63 -41.61
CA PHE B 32 -1.28 -20.97 -40.22
C PHE B 32 0.00 -21.43 -39.53
N THR B 33 0.45 -20.65 -38.55
CA THR B 33 1.65 -20.98 -37.79
C THR B 33 1.23 -21.70 -36.51
N CYS B 34 1.69 -22.94 -36.35
CA CYS B 34 1.47 -23.72 -35.14
C CYS B 34 2.82 -24.04 -34.52
N PHE B 35 2.93 -23.83 -33.21
CA PHE B 35 4.20 -24.06 -32.55
C PHE B 35 3.92 -24.54 -31.13
N VAL B 36 4.93 -25.22 -30.56
CA VAL B 36 4.85 -25.72 -29.19
C VAL B 36 6.08 -25.22 -28.43
N VAL B 37 5.87 -24.79 -27.19
CA VAL B 37 6.95 -24.35 -26.30
C VAL B 37 7.12 -25.42 -25.22
N GLY B 38 8.36 -25.81 -24.96
CA GLY B 38 8.57 -26.83 -23.94
C GLY B 38 10.02 -26.98 -23.55
N SER B 39 10.30 -28.09 -22.87
CA SER B 39 11.63 -28.36 -22.34
C SER B 39 12.43 -29.33 -23.20
N ASP B 40 11.78 -30.39 -23.70
CA ASP B 40 12.46 -31.50 -24.39
C ASP B 40 11.56 -31.92 -25.56
N LEU B 41 11.64 -31.17 -26.65
CA LEU B 41 10.70 -31.27 -27.75
C LEU B 41 11.14 -32.25 -28.84
N LYS B 42 12.07 -33.15 -28.54
CA LYS B 42 12.56 -34.06 -29.58
C LYS B 42 11.48 -35.02 -30.05
N ASP B 43 10.63 -35.50 -29.14
CA ASP B 43 9.56 -36.42 -29.47
C ASP B 43 8.22 -35.73 -29.66
N ALA B 44 8.23 -34.41 -29.84
CA ALA B 44 7.02 -33.63 -30.09
C ALA B 44 6.93 -33.34 -31.57
N HIS B 45 5.91 -33.89 -32.23
CA HIS B 45 5.70 -33.72 -33.66
C HIS B 45 4.38 -32.98 -33.88
N LEU B 46 4.46 -31.83 -34.55
CA LEU B 46 3.27 -31.09 -34.95
C LEU B 46 2.80 -31.61 -36.30
N THR B 47 1.55 -32.07 -36.35
CA THR B 47 0.94 -32.57 -37.57
C THR B 47 -0.27 -31.72 -37.92
N TRP B 48 -0.58 -31.68 -39.22
CA TRP B 48 -1.65 -30.84 -39.74
C TRP B 48 -2.78 -31.68 -40.30
N GLU B 49 -3.96 -31.05 -40.36
CA GLU B 49 -5.11 -31.57 -41.08
C GLU B 49 -5.79 -30.41 -41.79
N VAL B 50 -6.02 -30.56 -43.09
CA VAL B 50 -6.75 -29.58 -43.88
C VAL B 50 -8.05 -30.22 -44.33
N ALA B 51 -9.16 -29.56 -44.03
CA ALA B 51 -10.52 -30.05 -44.26
C ALA B 51 -10.80 -31.35 -43.53
N GLY B 52 -9.96 -31.71 -42.55
CA GLY B 52 -10.06 -32.98 -41.87
C GLY B 52 -9.16 -34.07 -42.41
N LYS B 53 -8.37 -33.80 -43.45
CA LYS B 53 -7.45 -34.78 -44.02
C LYS B 53 -6.06 -34.16 -44.12
N VAL B 54 -5.07 -35.03 -44.22
CA VAL B 54 -3.66 -34.61 -44.22
C VAL B 54 -3.39 -33.75 -45.46
N PRO B 55 -2.63 -32.66 -45.36
CA PRO B 55 -2.31 -31.88 -46.55
C PRO B 55 -1.34 -32.63 -47.45
N THR B 56 -1.55 -32.49 -48.77
CA THR B 56 -0.67 -33.15 -49.73
C THR B 56 0.70 -32.49 -49.78
N GLY B 57 0.77 -31.19 -49.50
CA GLY B 57 2.03 -30.48 -49.50
C GLY B 57 1.81 -29.05 -49.06
N GLY B 58 2.93 -28.38 -48.78
CA GLY B 58 2.91 -27.01 -48.33
C GLY B 58 3.15 -26.80 -46.85
N VAL B 59 3.79 -27.74 -46.17
CA VAL B 59 4.08 -27.64 -44.74
C VAL B 59 5.58 -27.47 -44.57
N GLU B 60 5.97 -26.43 -43.82
CA GLU B 60 7.36 -26.12 -43.56
C GLU B 60 7.63 -26.35 -42.07
N GLU B 61 8.09 -27.56 -41.74
CA GLU B 61 8.50 -27.83 -40.37
C GLU B 61 9.75 -27.01 -40.05
N GLY B 62 9.84 -26.59 -38.79
CA GLY B 62 10.86 -25.63 -38.36
C GLY B 62 11.94 -26.26 -37.51
N LEU B 63 13.12 -25.64 -37.50
CA LEU B 63 14.20 -26.08 -36.64
C LEU B 63 13.84 -25.85 -35.18
N LEU B 64 14.46 -26.65 -34.31
CA LEU B 64 14.18 -26.58 -32.88
C LEU B 64 14.83 -25.34 -32.29
N GLU B 65 14.03 -24.33 -31.99
CA GLU B 65 14.54 -23.14 -31.32
C GLU B 65 14.83 -23.44 -29.86
N ARG B 66 15.93 -22.87 -29.36
CA ARG B 66 16.31 -23.01 -27.95
C ARG B 66 16.55 -21.61 -27.38
N HIS B 67 15.88 -21.30 -26.29
CA HIS B 67 15.89 -19.97 -25.71
C HIS B 67 16.83 -19.89 -24.52
N SER B 68 17.23 -18.66 -24.19
CA SER B 68 18.20 -18.36 -23.13
C SER B 68 17.68 -18.69 -21.73
N ASN B 69 16.45 -19.19 -21.59
CA ASN B 69 15.86 -19.52 -20.30
C ASN B 69 15.62 -21.00 -20.14
N GLY B 70 16.24 -21.83 -20.97
CA GLY B 70 16.07 -23.27 -20.92
C GLY B 70 14.86 -23.80 -21.67
N SER B 71 14.08 -22.93 -22.31
CA SER B 71 12.91 -23.38 -23.06
C SER B 71 13.29 -23.74 -24.49
N GLN B 72 12.58 -24.72 -25.03
CA GLN B 72 12.69 -25.10 -26.43
C GLN B 72 11.38 -24.77 -27.15
N SER B 73 11.50 -24.43 -28.43
CA SER B 73 10.34 -24.09 -29.24
C SER B 73 10.53 -24.63 -30.64
N GLN B 74 9.44 -25.14 -31.23
CA GLN B 74 9.45 -25.59 -32.62
C GLN B 74 8.15 -25.18 -33.26
N HIS B 75 8.24 -24.58 -34.45
CA HIS B 75 7.07 -24.12 -35.18
C HIS B 75 6.99 -24.83 -36.52
N SER B 76 5.78 -25.25 -36.86
CA SER B 76 5.46 -25.75 -38.19
C SER B 76 4.36 -24.86 -38.77
N ARG B 77 4.55 -24.42 -40.00
CA ARG B 77 3.60 -23.52 -40.66
C ARG B 77 3.03 -24.18 -41.91
N LEU B 78 1.74 -23.95 -42.13
CA LEU B 78 1.01 -24.47 -43.27
C LEU B 78 0.45 -23.29 -44.05
N THR B 79 0.81 -23.18 -45.32
CA THR B 79 0.37 -22.07 -46.17
C THR B 79 -0.68 -22.60 -47.15
N LEU B 80 -1.82 -21.92 -47.20
CA LEU B 80 -2.93 -22.31 -48.06
C LEU B 80 -3.29 -21.17 -48.99
N PRO B 81 -3.87 -21.46 -50.16
CA PRO B 81 -4.40 -20.39 -51.00
C PRO B 81 -5.50 -19.64 -50.26
N ARG B 82 -5.63 -18.34 -50.58
CA ARG B 82 -6.67 -17.54 -49.97
C ARG B 82 -8.04 -18.14 -50.22
N SER B 83 -8.26 -18.70 -51.42
CA SER B 83 -9.53 -19.32 -51.74
C SER B 83 -9.87 -20.44 -50.76
N LEU B 84 -8.88 -21.23 -50.36
CA LEU B 84 -9.10 -22.26 -49.35
C LEU B 84 -9.52 -21.63 -48.03
N TRP B 85 -8.76 -20.63 -47.57
CA TRP B 85 -9.15 -19.88 -46.39
C TRP B 85 -10.52 -19.23 -46.59
N ASN B 86 -10.68 -18.50 -47.70
CA ASN B 86 -11.94 -17.83 -47.99
C ASN B 86 -13.12 -18.78 -47.99
N ALA B 87 -12.91 -20.04 -48.39
CA ALA B 87 -14.01 -21.01 -48.45
C ALA B 87 -14.45 -21.45 -47.06
N GLY B 88 -13.53 -21.54 -46.11
CA GLY B 88 -13.87 -21.99 -44.77
C GLY B 88 -13.26 -23.34 -44.46
N THR B 89 -12.12 -23.63 -45.09
CA THR B 89 -11.47 -24.92 -44.92
C THR B 89 -11.00 -25.09 -43.48
N SER B 90 -11.30 -26.24 -42.89
CA SER B 90 -10.98 -26.47 -41.49
C SER B 90 -9.51 -26.83 -41.35
N VAL B 91 -8.77 -26.04 -40.57
CA VAL B 91 -7.35 -26.25 -40.32
C VAL B 91 -7.17 -26.77 -38.90
N THR B 92 -6.29 -27.75 -38.73
CA THR B 92 -6.10 -28.42 -37.46
C THR B 92 -4.63 -28.70 -37.23
N CYS B 93 -4.14 -28.37 -36.03
CA CYS B 93 -2.78 -28.70 -35.60
C CYS B 93 -2.85 -29.66 -34.43
N THR B 94 -1.93 -30.62 -34.38
CA THR B 94 -1.94 -31.65 -33.35
C THR B 94 -0.55 -31.90 -32.82
N LEU B 95 -0.42 -31.91 -31.49
CA LEU B 95 0.85 -32.18 -30.81
C LEU B 95 0.86 -33.63 -30.36
N ASN B 96 1.86 -34.39 -30.81
CA ASN B 96 1.96 -35.82 -30.53
C ASN B 96 3.21 -36.08 -29.71
N HIS B 97 3.08 -36.03 -28.39
CA HIS B 97 4.12 -36.49 -27.49
C HIS B 97 3.78 -37.89 -26.99
N PRO B 98 4.79 -38.75 -26.81
CA PRO B 98 4.48 -40.15 -26.44
C PRO B 98 3.68 -40.29 -25.15
N SER B 99 4.15 -39.70 -24.06
CA SER B 99 3.50 -39.83 -22.76
C SER B 99 2.42 -38.78 -22.53
N LEU B 100 1.79 -38.29 -23.59
CA LEU B 100 0.82 -37.21 -23.49
C LEU B 100 -0.25 -37.42 -24.56
N PRO B 101 -1.44 -36.87 -24.37
CA PRO B 101 -2.52 -37.08 -25.34
C PRO B 101 -2.31 -36.24 -26.57
N PRO B 102 -2.87 -36.63 -27.70
CA PRO B 102 -2.92 -35.73 -28.85
C PRO B 102 -3.67 -34.46 -28.49
N GLN B 103 -3.03 -33.31 -28.75
CA GLN B 103 -3.57 -32.00 -28.42
C GLN B 103 -3.85 -31.27 -29.73
N ARG B 104 -5.13 -31.02 -30.00
CA ARG B 104 -5.55 -30.44 -31.27
C ARG B 104 -6.02 -29.01 -31.07
N LEU B 105 -5.44 -28.10 -31.85
CA LEU B 105 -5.89 -26.72 -31.96
C LEU B 105 -6.52 -26.53 -33.33
N MET B 106 -7.78 -26.13 -33.36
CA MET B 106 -8.54 -26.03 -34.59
C MET B 106 -8.73 -24.57 -34.98
N ALA B 107 -8.49 -24.27 -36.26
CA ALA B 107 -8.76 -22.96 -36.85
C ALA B 107 -9.90 -23.14 -37.84
N LEU B 108 -11.11 -23.29 -37.33
CA LEU B 108 -12.28 -23.53 -38.15
C LEU B 108 -12.97 -22.21 -38.51
N ARG B 109 -13.85 -22.29 -39.50
CA ARG B 109 -14.86 -21.25 -39.70
C ARG B 109 -15.99 -21.55 -38.73
N GLU B 110 -16.06 -20.80 -37.64
CA GLU B 110 -17.04 -21.09 -36.60
C GLU B 110 -18.44 -20.75 -37.09
N PRO B 111 -19.42 -21.65 -36.90
CA PRO B 111 -20.77 -21.36 -37.43
C PRO B 111 -21.44 -20.18 -36.76
N ALA B 112 -21.34 -20.06 -35.44
CA ALA B 112 -22.02 -19.00 -34.69
C ALA B 112 -21.34 -17.65 -34.82
N ALA B 113 -20.32 -17.53 -35.67
CA ALA B 113 -19.54 -16.29 -35.78
C ALA B 113 -20.24 -15.33 -36.73
N GLN B 114 -20.78 -14.25 -36.19
CA GLN B 114 -21.30 -13.18 -37.02
C GLN B 114 -20.17 -12.56 -37.84
N ALA B 115 -20.42 -12.33 -39.12
CA ALA B 115 -19.43 -11.74 -39.99
C ALA B 115 -19.59 -10.23 -40.03
N PRO B 116 -18.51 -9.48 -40.29
CA PRO B 116 -18.63 -8.02 -40.37
C PRO B 116 -19.67 -7.59 -41.38
N VAL B 117 -20.59 -6.73 -40.93
CA VAL B 117 -21.70 -6.30 -41.79
C VAL B 117 -21.18 -5.49 -42.96
N LYS B 118 -20.51 -4.38 -42.68
CA LYS B 118 -19.94 -3.53 -43.72
C LYS B 118 -18.75 -2.77 -43.17
N LEU B 119 -18.01 -2.14 -44.07
CA LEU B 119 -16.80 -1.40 -43.74
C LEU B 119 -16.94 0.03 -44.21
N SER B 120 -16.54 0.97 -43.34
CA SER B 120 -16.65 2.40 -43.63
C SER B 120 -15.28 3.03 -43.64
N LEU B 121 -15.08 3.98 -44.56
CA LEU B 121 -13.84 4.73 -44.65
C LEU B 121 -14.16 6.15 -45.09
N ASN B 122 -13.64 7.13 -44.36
CA ASN B 122 -13.88 8.53 -44.66
C ASN B 122 -12.71 9.35 -44.10
N LEU B 123 -12.91 10.65 -43.95
CA LEU B 123 -11.92 11.55 -43.38
C LEU B 123 -12.45 12.11 -42.07
N LEU B 124 -11.65 11.99 -41.01
CA LEU B 124 -12.08 12.48 -39.70
C LEU B 124 -11.77 13.96 -39.54
N ALA B 125 -10.57 14.38 -39.93
CA ALA B 125 -10.15 15.76 -39.74
C ALA B 125 -9.02 16.05 -40.74
N SER B 126 -8.45 17.25 -40.64
CA SER B 126 -7.32 17.65 -41.48
C SER B 126 -6.19 18.16 -40.60
N ALA B 132 1.46 19.83 -40.11
CA ALA B 132 0.32 19.65 -40.99
C ALA B 132 0.18 18.19 -41.41
N ALA B 133 -1.03 17.65 -41.27
CA ALA B 133 -1.31 16.27 -41.62
C ALA B 133 -2.82 16.10 -41.67
N SER B 134 -3.24 14.94 -42.17
CA SER B 134 -4.66 14.59 -42.27
C SER B 134 -4.88 13.22 -41.62
N TRP B 135 -6.15 12.94 -41.32
CA TRP B 135 -6.50 11.81 -40.46
C TRP B 135 -7.70 11.08 -41.06
N LEU B 136 -7.54 9.77 -41.27
CA LEU B 136 -8.57 8.94 -41.85
C LEU B 136 -9.28 8.12 -40.76
N LEU B 137 -10.24 7.32 -41.21
CA LEU B 137 -11.00 6.43 -40.33
C LEU B 137 -11.27 5.12 -41.05
N CYS B 138 -11.42 4.07 -40.26
CA CYS B 138 -11.88 2.78 -40.76
C CYS B 138 -12.81 2.18 -39.73
N GLU B 139 -14.02 1.82 -40.15
CA GLU B 139 -15.05 1.34 -39.25
C GLU B 139 -15.52 -0.03 -39.71
N VAL B 140 -15.39 -1.02 -38.83
CA VAL B 140 -15.89 -2.36 -39.08
C VAL B 140 -17.00 -2.64 -38.06
N SER B 141 -18.13 -3.14 -38.53
CA SER B 141 -19.35 -3.15 -37.74
C SER B 141 -20.01 -4.52 -37.75
N GLY B 142 -20.64 -4.85 -36.62
CA GLY B 142 -21.50 -6.02 -36.51
C GLY B 142 -20.84 -7.36 -36.74
N PHE B 143 -19.85 -7.69 -35.91
CA PHE B 143 -19.16 -8.97 -36.01
C PHE B 143 -18.93 -9.53 -34.61
N SER B 144 -18.73 -10.85 -34.54
CA SER B 144 -18.41 -11.54 -33.30
C SER B 144 -17.82 -12.88 -33.66
N PRO B 145 -16.76 -13.35 -32.96
CA PRO B 145 -16.03 -12.73 -31.85
C PRO B 145 -15.27 -11.45 -32.23
N PRO B 146 -14.87 -10.66 -31.24
CA PRO B 146 -14.19 -9.38 -31.55
C PRO B 146 -12.79 -9.55 -32.13
N ASN B 147 -12.25 -10.76 -32.18
CA ASN B 147 -10.94 -10.99 -32.76
C ASN B 147 -10.92 -10.55 -34.21
N ILE B 148 -10.12 -9.51 -34.50
CA ILE B 148 -10.13 -8.89 -35.82
C ILE B 148 -8.80 -8.20 -36.04
N LEU B 149 -8.36 -8.16 -37.29
CA LEU B 149 -7.09 -7.56 -37.68
C LEU B 149 -7.33 -6.54 -38.78
N LEU B 150 -6.58 -5.44 -38.75
CA LEU B 150 -6.74 -4.37 -39.73
C LEU B 150 -5.40 -4.07 -40.39
N MET B 151 -5.48 -3.36 -41.52
CA MET B 151 -4.29 -2.95 -42.25
C MET B 151 -4.65 -1.78 -43.15
N TRP B 152 -3.76 -0.79 -43.18
CA TRP B 152 -3.88 0.36 -44.08
C TRP B 152 -2.89 0.22 -45.22
N LEU B 153 -3.25 0.78 -46.38
CA LEU B 153 -2.41 0.68 -47.57
C LEU B 153 -2.40 2.02 -48.29
N GLU B 154 -1.21 2.57 -48.47
CA GLU B 154 -0.99 3.74 -49.32
C GLU B 154 -0.68 3.21 -50.73
N ASP B 155 -1.66 3.33 -51.63
CA ASP B 155 -1.61 2.73 -52.97
C ASP B 155 -1.51 1.23 -52.76
N GLN B 156 -0.46 0.56 -53.23
CA GLN B 156 -0.21 -0.85 -52.93
C GLN B 156 0.81 -1.04 -51.82
N ARG B 157 1.13 0.02 -51.06
CA ARG B 157 2.15 0.00 -50.04
C ARG B 157 1.50 0.17 -48.67
N GLU B 158 1.89 -0.66 -47.71
CA GLU B 158 1.30 -0.58 -46.37
C GLU B 158 1.81 0.64 -45.62
N VAL B 159 0.91 1.31 -44.91
CA VAL B 159 1.25 2.43 -44.04
C VAL B 159 0.89 2.03 -42.62
N ASN B 160 1.82 2.23 -41.68
CA ASN B 160 1.69 1.70 -40.33
C ASN B 160 1.39 2.78 -39.30
N THR B 161 1.02 3.98 -39.72
CA THR B 161 0.83 5.11 -38.83
C THR B 161 -0.60 5.21 -38.30
N SER B 162 -1.22 4.08 -37.96
CA SER B 162 -2.60 4.08 -37.51
C SER B 162 -2.68 3.97 -35.99
N GLY B 163 -3.79 4.46 -35.45
CA GLY B 163 -4.16 4.17 -34.09
C GLY B 163 -5.36 3.24 -34.09
N PHE B 164 -5.19 2.01 -33.62
CA PHE B 164 -6.25 1.01 -33.65
C PHE B 164 -6.94 0.93 -32.31
N ALA B 165 -8.28 0.88 -32.34
CA ALA B 165 -9.11 0.75 -31.16
C ALA B 165 -9.77 -0.63 -31.19
N PRO B 166 -9.31 -1.59 -30.37
CA PRO B 166 -9.91 -2.92 -30.36
C PRO B 166 -11.38 -2.87 -29.95
N ALA B 167 -12.10 -3.94 -30.29
CA ALA B 167 -13.54 -3.95 -30.13
C ALA B 167 -13.96 -4.04 -28.67
N ARG B 168 -15.06 -3.37 -28.35
CA ARG B 168 -15.75 -3.46 -27.07
C ARG B 168 -17.21 -3.74 -27.35
N PRO B 169 -17.92 -4.42 -26.43
CA PRO B 169 -19.32 -4.78 -26.65
C PRO B 169 -20.22 -3.58 -26.96
N THR B 176 -25.07 -7.70 -28.77
CA THR B 176 -25.15 -8.80 -29.72
C THR B 176 -23.84 -8.98 -30.44
N THR B 177 -23.27 -7.86 -30.88
CA THR B 177 -22.09 -7.86 -31.75
C THR B 177 -21.02 -6.90 -31.26
N PHE B 178 -19.99 -6.69 -32.07
CA PHE B 178 -18.88 -5.81 -31.69
C PHE B 178 -18.55 -4.90 -32.85
N TRP B 179 -17.77 -3.86 -32.56
CA TRP B 179 -17.29 -2.95 -33.60
C TRP B 179 -15.97 -2.34 -33.15
N ALA B 180 -15.06 -2.18 -34.11
CA ALA B 180 -13.77 -1.57 -33.87
C ALA B 180 -13.52 -0.50 -34.92
N TRP B 181 -12.55 0.38 -34.64
CA TRP B 181 -12.25 1.46 -35.55
C TRP B 181 -10.76 1.82 -35.43
N SER B 182 -10.19 2.29 -36.53
CA SER B 182 -8.80 2.66 -36.58
C SER B 182 -8.64 3.99 -37.29
N VAL B 183 -7.85 4.89 -36.71
CA VAL B 183 -7.59 6.21 -37.27
C VAL B 183 -6.17 6.21 -37.85
N LEU B 184 -6.07 6.49 -39.14
CA LEU B 184 -4.78 6.61 -39.82
C LEU B 184 -4.38 8.07 -39.94
N ARG B 185 -3.10 8.34 -39.72
CA ARG B 185 -2.54 9.69 -39.86
C ARG B 185 -1.69 9.73 -41.12
N VAL B 186 -2.01 10.65 -42.03
CA VAL B 186 -1.28 10.77 -43.29
C VAL B 186 -0.64 12.14 -43.39
N PRO B 187 0.59 12.23 -43.93
CA PRO B 187 1.26 13.51 -44.18
C PRO B 187 0.59 14.32 -45.29
N ALA B 195 -3.48 10.28 -53.20
CA ALA B 195 -3.34 8.84 -53.16
C ALA B 195 -4.65 8.18 -52.75
N THR B 196 -4.71 6.86 -52.92
CA THR B 196 -5.90 6.07 -52.60
C THR B 196 -5.59 5.22 -51.38
N TYR B 197 -6.26 5.51 -50.27
CA TYR B 197 -6.03 4.82 -49.00
C TYR B 197 -7.11 3.75 -48.82
N THR B 198 -6.69 2.50 -48.85
CA THR B 198 -7.59 1.37 -48.66
C THR B 198 -7.41 0.80 -47.26
N CYS B 199 -8.53 0.52 -46.59
CA CYS B 199 -8.52 -0.16 -45.30
C CYS B 199 -9.02 -1.59 -45.50
N VAL B 200 -8.20 -2.56 -45.13
CA VAL B 200 -8.53 -3.96 -45.27
C VAL B 200 -8.74 -4.55 -43.89
N VAL B 201 -9.81 -5.34 -43.75
CA VAL B 201 -10.21 -5.93 -42.48
C VAL B 201 -10.20 -7.44 -42.63
N SER B 202 -9.61 -8.13 -41.65
CA SER B 202 -9.61 -9.59 -41.61
C SER B 202 -10.29 -10.05 -40.34
N HIS B 203 -11.39 -10.78 -40.49
CA HIS B 203 -12.07 -11.43 -39.39
C HIS B 203 -11.84 -12.93 -39.54
N GLU B 204 -11.23 -13.54 -38.51
CA GLU B 204 -10.76 -14.91 -38.67
C GLU B 204 -11.88 -15.92 -38.53
N ASP B 205 -12.76 -15.74 -37.55
CA ASP B 205 -13.70 -16.79 -37.18
C ASP B 205 -14.75 -17.01 -38.27
N SER B 206 -15.30 -15.93 -38.81
CA SER B 206 -16.01 -15.95 -40.08
C SER B 206 -15.00 -15.53 -41.14
N ARG B 207 -14.51 -16.49 -41.93
CA ARG B 207 -13.41 -16.23 -42.86
C ARG B 207 -13.77 -15.10 -43.83
N THR B 208 -13.94 -13.92 -43.27
CA THR B 208 -14.44 -12.76 -43.98
C THR B 208 -13.35 -11.71 -44.11
N LEU B 209 -13.25 -11.13 -45.29
CA LEU B 209 -12.28 -10.10 -45.59
C LEU B 209 -12.99 -8.99 -46.35
N LEU B 210 -12.79 -7.75 -45.92
CA LEU B 210 -13.42 -6.60 -46.55
C LEU B 210 -12.38 -5.52 -46.78
N ASN B 211 -12.55 -4.78 -47.87
CA ASN B 211 -11.73 -3.61 -48.15
C ASN B 211 -12.63 -2.43 -48.48
N ALA B 212 -12.08 -1.23 -48.23
CA ALA B 212 -12.69 0.00 -48.71
C ALA B 212 -11.64 0.78 -49.49
N SER B 213 -11.95 2.03 -49.84
CA SER B 213 -11.04 2.86 -50.59
C SER B 213 -11.57 4.28 -50.50
N ARG B 214 -10.70 5.25 -50.77
CA ARG B 214 -11.12 6.64 -50.69
C ARG B 214 -10.13 7.51 -51.45
N SER B 215 -10.62 8.70 -51.83
CA SER B 215 -9.85 9.78 -52.44
C SER B 215 -10.80 10.92 -52.76
N THR C 9 -0.61 -23.81 26.37
CA THR C 9 -0.42 -23.50 27.79
C THR C 9 0.41 -22.22 27.97
N GLN C 10 0.76 -21.59 26.84
CA GLN C 10 1.55 -20.37 26.92
C GLN C 10 0.65 -19.14 26.82
N PRO C 11 1.02 -18.04 27.47
CA PRO C 11 0.27 -16.79 27.30
C PRO C 11 0.39 -16.27 25.87
N LEU C 12 -0.72 -15.71 25.38
CA LEU C 12 -0.77 -15.13 24.04
C LEU C 12 -1.50 -13.80 24.12
N GLY C 13 -0.81 -12.72 23.76
CA GLY C 13 -1.41 -11.40 23.78
C GLY C 13 -1.57 -10.83 22.38
N VAL C 14 -2.81 -10.76 21.92
CA VAL C 14 -3.12 -10.27 20.58
C VAL C 14 -3.73 -8.88 20.69
N TYR C 15 -3.31 -7.99 19.79
CA TYR C 15 -3.79 -6.62 19.76
C TYR C 15 -3.99 -6.18 18.32
N LEU C 16 -4.96 -5.31 18.11
CA LEU C 16 -5.25 -4.74 16.79
C LEU C 16 -5.13 -3.22 16.89
N LEU C 17 -4.20 -2.66 16.12
CA LEU C 17 -3.94 -1.23 16.12
C LEU C 17 -4.63 -0.59 14.93
N THR C 18 -5.38 0.47 15.19
CA THR C 18 -6.20 1.14 14.20
C THR C 18 -5.44 2.28 13.54
N PRO C 19 -5.90 2.75 12.38
CA PRO C 19 -5.17 3.80 11.66
C PRO C 19 -4.93 5.04 12.50
N ALA C 20 -3.71 5.55 12.44
CA ALA C 20 -3.38 6.85 13.01
C ALA C 20 -3.71 7.95 12.02
N VAL C 21 -3.79 9.18 12.54
CA VAL C 21 -4.18 10.31 11.70
C VAL C 21 -3.10 10.60 10.66
N GLN C 22 -1.83 10.58 11.06
CA GLN C 22 -0.76 11.00 10.17
C GLN C 22 -0.72 10.15 8.90
N ASP C 23 -0.97 8.85 9.03
CA ASP C 23 -1.09 8.01 7.85
C ASP C 23 -2.42 8.24 7.15
N LEU C 24 -3.48 8.53 7.92
CA LEU C 24 -4.78 8.86 7.33
C LEU C 24 -4.72 10.17 6.56
N TRP C 25 -4.05 11.17 7.13
CA TRP C 25 -4.08 12.52 6.57
C TRP C 25 -2.95 12.74 5.56
N LEU C 26 -1.70 12.50 5.97
CA LEU C 26 -0.58 12.77 5.09
C LEU C 26 -0.47 11.72 3.99
N ARG C 27 -0.46 10.44 4.38
CA ARG C 27 -0.32 9.36 3.41
C ARG C 27 -1.64 8.91 2.81
N ASP C 28 -2.78 9.40 3.31
CA ASP C 28 -4.10 9.12 2.76
C ASP C 28 -4.39 7.63 2.68
N LYS C 29 -3.91 6.88 3.67
CA LYS C 29 -4.17 5.46 3.75
C LYS C 29 -4.44 5.08 5.20
N ALA C 30 -5.07 3.92 5.37
CA ALA C 30 -5.45 3.40 6.67
C ALA C 30 -4.72 2.08 6.88
N THR C 31 -3.67 2.11 7.69
CA THR C 31 -2.85 0.92 7.95
C THR C 31 -3.25 0.33 9.30
N PHE C 32 -3.83 -0.86 9.28
CA PHE C 32 -4.14 -1.61 10.49
C PHE C 32 -2.97 -2.51 10.83
N THR C 33 -2.61 -2.56 12.12
CA THR C 33 -1.54 -3.42 12.60
C THR C 33 -2.08 -4.36 13.66
N CYS C 34 -1.84 -5.65 13.46
CA CYS C 34 -2.21 -6.69 14.41
C CYS C 34 -0.97 -7.50 14.75
N PHE C 35 -0.71 -7.65 16.04
CA PHE C 35 0.46 -8.40 16.48
C PHE C 35 0.09 -9.26 17.69
N VAL C 36 0.90 -10.30 17.89
CA VAL C 36 0.73 -11.26 18.97
C VAL C 36 2.04 -11.36 19.74
N VAL C 37 1.95 -11.43 21.06
CA VAL C 37 3.10 -11.60 21.93
C VAL C 37 2.95 -12.93 22.66
N GLY C 38 4.05 -13.64 22.81
CA GLY C 38 4.01 -14.91 23.51
C GLY C 38 5.39 -15.52 23.60
N SER C 39 5.42 -16.75 24.11
CA SER C 39 6.70 -17.45 24.30
C SER C 39 7.13 -18.15 23.01
N ASP C 40 6.19 -18.73 22.27
CA ASP C 40 6.48 -19.49 21.07
C ASP C 40 5.44 -19.15 20.01
N LEU C 41 5.86 -18.51 18.92
CA LEU C 41 4.95 -18.03 17.89
C LEU C 41 5.19 -18.68 16.53
N LYS C 42 5.96 -19.77 16.47
CA LYS C 42 6.26 -20.38 15.18
C LYS C 42 5.00 -20.90 14.50
N ASP C 43 4.11 -21.54 15.25
CA ASP C 43 2.85 -22.05 14.72
C ASP C 43 1.70 -21.07 14.91
N ALA C 44 1.99 -19.83 15.30
CA ALA C 44 0.98 -18.80 15.45
C ALA C 44 0.92 -17.96 14.18
N HIS C 45 -0.29 -17.81 13.63
CA HIS C 45 -0.49 -17.09 12.39
C HIS C 45 -1.56 -16.02 12.58
N LEU C 46 -1.45 -14.95 11.80
CA LEU C 46 -2.40 -13.85 11.82
C LEU C 46 -3.05 -13.74 10.46
N THR C 47 -4.37 -13.85 10.42
CA THR C 47 -5.13 -13.78 9.18
C THR C 47 -6.06 -12.57 9.20
N TRP C 48 -6.28 -12.01 8.02
CA TRP C 48 -7.03 -10.77 7.86
C TRP C 48 -8.35 -11.01 7.14
N GLU C 49 -9.35 -10.22 7.51
CA GLU C 49 -10.62 -10.17 6.80
C GLU C 49 -11.02 -8.70 6.65
N VAL C 50 -11.24 -8.27 5.41
CA VAL C 50 -11.71 -6.92 5.13
C VAL C 50 -13.13 -7.03 4.57
N ALA C 51 -14.10 -6.48 5.31
CA ALA C 51 -15.50 -6.56 4.94
C ALA C 51 -15.92 -8.02 4.72
N GLY C 52 -15.47 -8.89 5.62
CA GLY C 52 -15.81 -10.30 5.57
C GLY C 52 -14.99 -11.14 4.61
N LYS C 53 -14.34 -10.53 3.64
CA LYS C 53 -13.56 -11.24 2.64
C LYS C 53 -12.07 -11.19 2.97
N VAL C 54 -11.33 -12.17 2.48
CA VAL C 54 -9.88 -12.14 2.59
C VAL C 54 -9.33 -11.01 1.72
N PRO C 55 -8.42 -10.19 2.22
CA PRO C 55 -7.89 -9.09 1.38
C PRO C 55 -7.18 -9.64 0.16
N THR C 56 -7.51 -9.06 -1.00
CA THR C 56 -6.78 -9.40 -2.23
C THR C 56 -5.35 -8.90 -2.15
N GLY C 57 -5.16 -7.66 -1.71
CA GLY C 57 -3.83 -7.09 -1.56
C GLY C 57 -3.77 -6.00 -0.51
N GLY C 58 -2.65 -5.95 0.21
CA GLY C 58 -2.48 -4.97 1.27
C GLY C 58 -1.87 -5.56 2.51
N VAL C 59 -1.71 -6.88 2.53
CA VAL C 59 -1.20 -7.59 3.70
C VAL C 59 0.31 -7.77 3.54
N GLU C 60 1.06 -7.23 4.49
CA GLU C 60 2.48 -7.54 4.64
C GLU C 60 2.71 -8.11 6.02
N GLU C 61 3.44 -9.21 6.10
CA GLU C 61 3.69 -9.89 7.37
C GLU C 61 5.11 -9.59 7.81
N GLY C 62 5.26 -9.18 9.06
CA GLY C 62 6.57 -8.94 9.64
C GLY C 62 7.28 -10.24 9.96
N LEU C 63 8.46 -10.11 10.56
CA LEU C 63 9.27 -11.26 10.95
C LEU C 63 9.22 -11.44 12.46
N LEU C 64 9.52 -12.66 12.89
CA LEU C 64 9.53 -12.98 14.32
C LEU C 64 10.62 -12.18 15.02
N GLU C 65 10.25 -11.60 16.17
CA GLU C 65 11.16 -10.79 16.96
C GLU C 65 11.35 -11.44 18.33
N ARG C 66 12.61 -11.67 18.69
CA ARG C 66 12.96 -12.24 19.98
C ARG C 66 13.38 -11.12 20.93
N HIS C 67 12.83 -11.13 22.13
CA HIS C 67 13.10 -10.11 23.14
C HIS C 67 13.92 -10.71 24.28
N SER C 68 14.68 -9.86 24.96
CA SER C 68 15.60 -10.32 26.00
C SER C 68 14.86 -10.95 27.17
N ASN C 69 13.63 -10.51 27.44
CA ASN C 69 12.87 -11.07 28.55
C ASN C 69 12.35 -12.47 28.27
N GLY C 70 12.60 -13.02 27.09
CA GLY C 70 12.17 -14.37 26.75
C GLY C 70 10.93 -14.45 25.90
N SER C 71 10.33 -13.32 25.52
CA SER C 71 9.10 -13.31 24.75
C SER C 71 9.41 -13.12 23.27
N GLN C 72 8.63 -13.80 22.43
CA GLN C 72 8.65 -13.59 20.99
C GLN C 72 7.46 -12.73 20.59
N SER C 73 7.59 -12.07 19.44
CA SER C 73 6.54 -11.17 18.97
C SER C 73 6.53 -11.18 17.45
N GLN C 74 5.34 -11.08 16.88
CA GLN C 74 5.17 -11.05 15.43
C GLN C 74 3.95 -10.20 15.09
N HIS C 75 4.07 -9.39 14.04
CA HIS C 75 3.01 -8.49 13.64
C HIS C 75 2.65 -8.71 12.18
N SER C 76 1.50 -8.15 11.79
CA SER C 76 1.06 -8.12 10.42
C SER C 76 0.40 -6.76 10.17
N ARG C 77 0.58 -6.24 8.96
CA ARG C 77 0.08 -4.93 8.60
C ARG C 77 -0.88 -5.04 7.42
N LEU C 78 -1.95 -4.26 7.46
CA LEU C 78 -2.96 -4.25 6.41
C LEU C 78 -3.25 -2.81 6.03
N THR C 79 -3.12 -2.50 4.74
CA THR C 79 -3.25 -1.14 4.23
C THR C 79 -4.54 -1.00 3.45
N LEU C 80 -5.37 -0.03 3.85
CA LEU C 80 -6.62 0.30 3.18
C LEU C 80 -6.57 1.73 2.64
N PRO C 81 -7.15 1.98 1.47
CA PRO C 81 -7.34 3.36 1.04
C PRO C 81 -8.27 4.08 2.00
N ARG C 82 -8.06 5.40 2.15
CA ARG C 82 -8.87 6.17 3.08
C ARG C 82 -10.34 6.14 2.70
N SER C 83 -10.64 6.09 1.40
CA SER C 83 -12.04 6.00 0.96
C SER C 83 -12.72 4.76 1.52
N LEU C 84 -12.00 3.63 1.58
CA LEU C 84 -12.53 2.46 2.24
C LEU C 84 -12.68 2.69 3.74
N TRP C 85 -11.71 3.40 4.35
CA TRP C 85 -11.80 3.72 5.77
C TRP C 85 -12.98 4.64 6.04
N ASN C 86 -13.19 5.66 5.20
CA ASN C 86 -14.36 6.51 5.35
C ASN C 86 -15.65 5.71 5.26
N ALA C 87 -15.68 4.72 4.37
CA ALA C 87 -16.90 3.96 4.11
C ALA C 87 -17.35 3.10 5.28
N GLY C 88 -16.51 2.93 6.30
CA GLY C 88 -16.84 2.11 7.43
C GLY C 88 -16.52 0.63 7.28
N THR C 89 -15.45 0.29 6.57
CA THR C 89 -15.17 -1.11 6.23
C THR C 89 -14.78 -1.91 7.47
N SER C 90 -15.19 -3.17 7.49
CA SER C 90 -14.95 -4.06 8.62
C SER C 90 -13.62 -4.78 8.43
N VAL C 91 -12.68 -4.52 9.34
CA VAL C 91 -11.36 -5.17 9.33
C VAL C 91 -11.30 -6.12 10.53
N THR C 92 -10.82 -7.34 10.28
CA THR C 92 -10.78 -8.38 11.29
C THR C 92 -9.41 -9.05 11.29
N CYS C 93 -8.77 -9.10 12.45
CA CYS C 93 -7.59 -9.91 12.66
C CYS C 93 -7.97 -11.20 13.39
N THR C 94 -7.15 -12.23 13.20
CA THR C 94 -7.46 -13.54 13.77
C THR C 94 -6.16 -14.27 14.07
N LEU C 95 -5.87 -14.49 15.35
CA LEU C 95 -4.72 -15.27 15.76
C LEU C 95 -5.08 -16.76 15.64
N ASN C 96 -4.41 -17.45 14.72
CA ASN C 96 -4.55 -18.89 14.59
C ASN C 96 -3.38 -19.58 15.26
N HIS C 97 -3.68 -20.64 16.02
CA HIS C 97 -2.66 -21.37 16.74
C HIS C 97 -3.18 -22.78 16.97
N PRO C 98 -2.37 -23.82 16.75
CA PRO C 98 -2.89 -25.18 16.86
C PRO C 98 -3.29 -25.56 18.28
N SER C 99 -2.69 -24.94 19.30
CA SER C 99 -2.96 -25.35 20.68
C SER C 99 -4.25 -24.75 21.22
N LEU C 100 -4.57 -23.53 20.84
CA LEU C 100 -5.67 -22.77 21.40
C LEU C 100 -6.68 -22.36 20.33
N PRO C 101 -7.94 -22.15 20.69
CA PRO C 101 -8.94 -21.69 19.73
C PRO C 101 -8.59 -20.28 19.24
N PRO C 102 -9.11 -19.89 18.07
CA PRO C 102 -8.76 -18.59 17.51
C PRO C 102 -9.23 -17.44 18.40
N GLN C 103 -8.60 -16.28 18.18
CA GLN C 103 -8.95 -15.05 18.90
C GLN C 103 -9.07 -13.93 17.88
N ARG C 104 -10.29 -13.48 17.63
CA ARG C 104 -10.56 -12.47 16.63
C ARG C 104 -10.64 -11.09 17.26
N LEU C 105 -10.22 -10.08 16.49
CA LEU C 105 -10.33 -8.68 16.87
C LEU C 105 -10.85 -7.91 15.67
N MET C 106 -12.00 -7.29 15.81
CA MET C 106 -12.64 -6.55 14.73
C MET C 106 -12.50 -5.06 14.98
N ALA C 107 -12.07 -4.32 13.97
CA ALA C 107 -12.09 -2.86 13.97
C ALA C 107 -13.25 -2.46 13.08
N LEU C 108 -14.35 -2.05 13.71
CA LEU C 108 -15.60 -1.79 13.01
C LEU C 108 -16.00 -0.34 13.21
N ARG C 109 -16.82 0.16 12.28
CA ARG C 109 -17.53 1.41 12.51
C ARG C 109 -18.75 1.10 13.36
N GLU C 110 -18.69 1.49 14.62
CA GLU C 110 -19.72 1.07 15.58
C GLU C 110 -21.02 1.81 15.29
N PRO C 111 -22.14 1.09 15.15
CA PRO C 111 -23.43 1.78 14.98
C PRO C 111 -23.80 2.63 16.18
N ALA C 112 -23.41 2.20 17.39
CA ALA C 112 -23.62 2.95 18.61
C ALA C 112 -22.58 4.05 18.82
N ALA C 113 -21.95 4.52 17.74
CA ALA C 113 -20.93 5.56 17.81
C ALA C 113 -21.44 6.83 17.14
N GLN C 114 -21.32 7.93 17.85
CA GLN C 114 -21.69 9.25 17.32
C GLN C 114 -20.42 10.01 16.96
N ALA C 115 -20.37 10.48 15.71
CA ALA C 115 -19.16 11.10 15.18
C ALA C 115 -19.00 12.53 15.69
N PRO C 116 -17.77 13.03 15.78
CA PRO C 116 -17.55 14.42 16.21
C PRO C 116 -18.30 15.40 15.31
N VAL C 117 -19.15 16.21 15.93
CA VAL C 117 -20.00 17.12 15.18
C VAL C 117 -19.17 18.24 14.56
N LYS C 118 -18.45 19.00 15.39
CA LYS C 118 -17.70 20.14 14.94
C LYS C 118 -16.48 20.33 15.82
N LEU C 119 -15.39 20.79 15.20
CA LEU C 119 -14.24 21.28 15.95
C LEU C 119 -14.01 22.74 15.63
N SER C 120 -13.41 23.45 16.59
CA SER C 120 -13.18 24.88 16.47
C SER C 120 -11.68 25.16 16.56
N LEU C 121 -11.19 26.03 15.68
CA LEU C 121 -9.81 26.48 15.70
C LEU C 121 -9.81 27.96 16.07
N ASN C 122 -9.30 28.27 17.25
CA ASN C 122 -9.20 29.65 17.71
C ASN C 122 -7.75 30.00 18.03
N LEU C 123 -7.55 30.98 18.91
CA LEU C 123 -6.21 31.34 19.37
C LEU C 123 -6.34 31.81 20.80
N LEU C 124 -5.79 31.04 21.74
CA LEU C 124 -5.88 31.42 23.15
C LEU C 124 -5.21 32.75 23.42
N ALA C 125 -3.99 32.93 22.92
CA ALA C 125 -3.23 34.17 23.09
C ALA C 125 -1.99 34.17 22.19
N ALA C 132 8.63 34.52 23.78
CA ALA C 132 7.20 34.75 23.62
C ALA C 132 6.67 34.06 22.37
N ALA C 133 5.40 33.65 22.41
CA ALA C 133 4.81 32.87 21.33
C ALA C 133 3.30 33.04 21.37
N SER C 134 2.62 32.36 20.46
CA SER C 134 1.17 32.31 20.42
C SER C 134 0.70 30.86 20.52
N TRP C 135 -0.56 30.70 20.90
CA TRP C 135 -1.11 29.39 21.23
C TRP C 135 -2.45 29.23 20.54
N LEU C 136 -2.59 28.17 19.73
CA LEU C 136 -3.82 27.91 19.00
C LEU C 136 -4.62 26.82 19.72
N LEU C 137 -5.91 27.09 19.91
CA LEU C 137 -6.80 26.17 20.62
C LEU C 137 -7.66 25.43 19.62
N CYS C 138 -7.58 24.10 19.63
CA CYS C 138 -8.43 23.25 18.82
C CYS C 138 -9.27 22.39 19.75
N GLU C 139 -10.59 22.52 19.64
CA GLU C 139 -11.53 21.81 20.51
C GLU C 139 -12.50 21.00 19.66
N VAL C 140 -12.58 19.71 19.92
CA VAL C 140 -13.50 18.82 19.23
C VAL C 140 -14.57 18.38 20.21
N SER C 141 -15.82 18.38 19.76
CA SER C 141 -16.95 18.16 20.64
C SER C 141 -17.98 17.27 19.97
N GLY C 142 -18.85 16.70 20.80
CA GLY C 142 -19.98 15.94 20.32
C GLY C 142 -19.61 14.62 19.66
N PHE C 143 -19.02 13.70 20.42
CA PHE C 143 -18.70 12.39 19.87
C PHE C 143 -18.73 11.34 20.97
N SER C 144 -18.80 10.08 20.54
CA SER C 144 -18.78 8.89 21.37
C SER C 144 -18.51 7.67 20.50
N PRO C 145 -17.67 6.71 20.93
CA PRO C 145 -16.83 6.61 22.14
C PRO C 145 -15.74 7.68 22.23
N PRO C 146 -15.12 7.84 23.41
CA PRO C 146 -14.19 8.96 23.61
C PRO C 146 -12.81 8.79 23.00
N ASN C 147 -12.48 7.62 22.45
CA ASN C 147 -11.17 7.43 21.82
C ASN C 147 -11.06 8.28 20.56
N ILE C 148 -10.07 9.17 20.54
CA ILE C 148 -9.93 10.15 19.47
C ILE C 148 -8.45 10.54 19.38
N LEU C 149 -8.02 10.92 18.18
CA LEU C 149 -6.64 11.29 17.92
C LEU C 149 -6.58 12.68 17.29
N LEU C 150 -5.53 13.42 17.66
CA LEU C 150 -5.34 14.78 17.19
C LEU C 150 -3.97 14.92 16.55
N MET C 151 -3.87 15.85 15.61
CA MET C 151 -2.64 16.15 14.90
C MET C 151 -2.54 17.65 14.68
N TRP C 152 -1.31 18.14 14.58
CA TRP C 152 -1.04 19.55 14.31
C TRP C 152 -0.11 19.66 13.10
N LEU C 153 -0.44 20.58 12.19
CA LEU C 153 0.36 20.81 11.00
C LEU C 153 0.45 22.30 10.73
N GLU C 154 1.68 22.81 10.64
CA GLU C 154 1.93 24.20 10.27
C GLU C 154 2.18 24.24 8.76
N ASP C 155 1.33 24.97 8.04
CA ASP C 155 1.30 24.92 6.58
C ASP C 155 1.11 23.49 6.12
N GLN C 156 2.14 22.88 5.54
CA GLN C 156 2.08 21.49 5.11
C GLN C 156 2.85 20.55 6.03
N ARG C 157 3.90 21.04 6.69
CA ARG C 157 4.67 20.23 7.61
C ARG C 157 3.88 19.96 8.88
N GLU C 158 4.31 18.94 9.61
CA GLU C 158 3.65 18.50 10.84
C GLU C 158 4.39 19.02 12.07
N VAL C 159 3.62 19.34 13.11
CA VAL C 159 4.16 19.89 14.34
C VAL C 159 3.91 18.92 15.48
N ASN C 160 4.82 18.91 16.45
CA ASN C 160 4.79 17.97 17.56
C ASN C 160 4.61 18.64 18.92
N THR C 161 4.54 19.97 18.99
CA THR C 161 4.43 20.65 20.27
C THR C 161 2.99 20.70 20.76
N SER C 162 2.35 19.53 20.86
CA SER C 162 0.94 19.45 21.23
C SER C 162 0.78 19.41 22.74
N GLY C 163 -0.38 19.87 23.20
CA GLY C 163 -0.76 19.78 24.59
C GLY C 163 -2.14 19.16 24.74
N PHE C 164 -2.24 17.87 24.49
CA PHE C 164 -3.53 17.21 24.35
C PHE C 164 -4.18 17.01 25.71
N ALA C 165 -5.47 17.32 25.80
CA ALA C 165 -6.29 17.05 26.97
C ALA C 165 -7.31 15.99 26.62
N PRO C 166 -7.31 14.83 27.28
CA PRO C 166 -8.24 13.76 26.89
C PRO C 166 -9.70 14.16 27.12
N ALA C 167 -10.59 13.29 26.65
CA ALA C 167 -12.01 13.59 26.61
C ALA C 167 -12.62 13.42 28.00
N ARG C 168 -13.06 14.54 28.60
CA ARG C 168 -13.98 14.51 29.72
C ARG C 168 -15.40 14.50 29.19
N PRO C 169 -16.36 14.02 29.96
CA PRO C 169 -17.77 14.12 29.55
C PRO C 169 -18.39 15.40 30.08
N PRO C 170 -18.67 16.38 29.20
CA PRO C 170 -19.27 17.64 29.63
C PRO C 170 -20.78 17.53 29.78
N ARG C 174 -24.60 18.39 30.85
CA ARG C 174 -25.05 17.01 31.03
C ARG C 174 -25.61 16.43 29.74
N SER C 175 -24.76 15.68 29.02
CA SER C 175 -25.19 14.96 27.82
C SER C 175 -24.22 13.81 27.61
N THR C 176 -24.55 12.95 26.65
CA THR C 176 -23.82 11.72 26.43
C THR C 176 -22.69 11.85 25.42
N THR C 177 -22.38 13.06 24.97
CA THR C 177 -21.26 13.24 24.06
C THR C 177 -19.96 13.45 24.86
N PHE C 178 -18.84 13.40 24.15
CA PHE C 178 -17.53 13.70 24.72
C PHE C 178 -16.91 14.87 23.96
N TRP C 179 -15.96 15.53 24.62
CA TRP C 179 -15.23 16.62 23.98
C TRP C 179 -13.80 16.61 24.50
N ALA C 180 -12.86 16.91 23.60
CA ALA C 180 -11.46 17.01 23.96
C ALA C 180 -10.85 18.17 23.20
N TRP C 181 -9.71 18.65 23.69
CA TRP C 181 -9.06 19.81 23.10
C TRP C 181 -7.55 19.69 23.23
N SER C 182 -6.85 20.51 22.46
CA SER C 182 -5.39 20.53 22.48
C SER C 182 -4.92 21.93 22.11
N VAL C 183 -3.69 22.24 22.50
CA VAL C 183 -3.10 23.56 22.27
C VAL C 183 -1.78 23.39 21.56
N LEU C 184 -1.54 24.24 20.56
CA LEU C 184 -0.29 24.27 19.80
C LEU C 184 0.44 25.57 20.11
N ARG C 185 1.71 25.46 20.48
CA ARG C 185 2.55 26.60 20.81
C ARG C 185 3.51 26.86 19.65
N VAL C 186 3.52 28.10 19.14
CA VAL C 186 4.28 28.45 17.95
C VAL C 186 5.09 29.71 18.20
N PRO C 187 6.42 29.68 18.11
CA PRO C 187 7.21 30.88 18.37
C PRO C 187 6.97 31.95 17.31
N ALA C 188 6.94 33.20 17.77
CA ALA C 188 6.72 34.34 16.88
C ALA C 188 8.03 34.82 16.28
N ALA C 195 1.62 31.91 7.56
CA ALA C 195 1.46 30.48 7.77
C ALA C 195 0.03 30.13 8.19
N THR C 196 -0.43 28.95 7.80
CA THR C 196 -1.74 28.45 8.16
C THR C 196 -1.59 27.18 9.01
N TYR C 197 -2.51 27.00 9.95
CA TYR C 197 -2.45 25.92 10.91
C TYR C 197 -3.67 25.04 10.77
N THR C 198 -3.45 23.75 10.52
CA THR C 198 -4.52 22.79 10.34
C THR C 198 -4.60 21.87 11.55
N CYS C 199 -5.80 21.66 12.06
CA CYS C 199 -6.06 20.74 13.17
C CYS C 199 -6.89 19.58 12.63
N VAL C 200 -6.23 18.46 12.37
CA VAL C 200 -6.89 17.26 11.87
C VAL C 200 -7.20 16.36 13.04
N VAL C 201 -8.34 15.66 12.97
CA VAL C 201 -8.87 14.89 14.09
C VAL C 201 -9.52 13.63 13.54
N SER C 202 -9.10 12.48 14.05
CA SER C 202 -9.63 11.18 13.61
C SER C 202 -10.32 10.50 14.77
N HIS C 203 -11.63 10.31 14.65
CA HIS C 203 -12.40 9.44 15.52
C HIS C 203 -12.57 8.10 14.81
N GLU C 204 -12.10 7.03 15.44
CA GLU C 204 -12.03 5.74 14.76
C GLU C 204 -13.39 5.04 14.70
N ASP C 205 -14.03 4.87 15.86
CA ASP C 205 -15.24 4.06 15.94
C ASP C 205 -16.33 4.55 15.01
N SER C 206 -16.49 5.86 14.89
CA SER C 206 -17.30 6.48 13.85
C SER C 206 -16.30 7.07 12.86
N ARG C 207 -15.96 6.29 11.83
CA ARG C 207 -14.88 6.63 10.91
C ARG C 207 -15.09 8.02 10.33
N THR C 208 -14.31 8.98 10.83
CA THR C 208 -14.48 10.39 10.53
C THR C 208 -13.14 11.08 10.66
N LEU C 209 -12.97 12.16 9.91
CA LEU C 209 -11.72 12.91 9.90
C LEU C 209 -12.03 14.35 9.56
N LEU C 210 -11.75 15.26 10.48
CA LEU C 210 -12.08 16.68 10.32
C LEU C 210 -10.81 17.49 10.09
N ASN C 211 -11.00 18.67 9.49
CA ASN C 211 -9.91 19.60 9.24
C ASN C 211 -10.38 21.02 9.54
N ALA C 212 -9.53 21.77 10.22
CA ALA C 212 -9.75 23.19 10.49
C ALA C 212 -8.51 23.97 10.08
N SER C 213 -8.66 25.30 9.99
CA SER C 213 -7.54 26.11 9.55
C SER C 213 -7.74 27.57 9.98
N ARG C 214 -6.61 28.22 10.27
CA ARG C 214 -6.55 29.66 10.47
C ARG C 214 -5.16 30.14 10.04
N SER C 215 -5.08 31.41 9.66
CA SER C 215 -3.84 31.98 9.16
C SER C 215 -3.06 32.65 10.29
N LEU C 216 -1.74 32.71 10.13
CA LEU C 216 -0.85 33.35 11.11
C LEU C 216 0.55 33.54 10.57
N THR D 9 12.78 -22.46 30.47
CA THR D 9 12.25 -21.32 31.20
C THR D 9 11.07 -20.66 30.48
N GLN D 10 10.58 -19.58 31.08
CA GLN D 10 9.44 -18.81 30.63
C GLN D 10 9.83 -17.35 30.46
N PRO D 11 9.09 -16.59 29.66
CA PRO D 11 9.28 -15.13 29.67
C PRO D 11 9.05 -14.58 31.07
N LEU D 12 9.95 -13.69 31.49
CA LEU D 12 9.86 -13.04 32.80
C LEU D 12 10.35 -11.61 32.65
N GLY D 13 9.43 -10.66 32.79
CA GLY D 13 9.76 -9.26 32.76
C GLY D 13 9.43 -8.55 34.05
N VAL D 14 10.42 -7.89 34.65
CA VAL D 14 10.25 -7.15 35.89
C VAL D 14 10.25 -5.66 35.59
N TYR D 15 9.43 -4.91 36.32
CA TYR D 15 9.27 -3.48 36.09
C TYR D 15 9.25 -2.75 37.41
N LEU D 16 9.68 -1.49 37.39
CA LEU D 16 9.75 -0.66 38.58
C LEU D 16 9.07 0.67 38.29
N LEU D 17 8.13 1.04 39.15
CA LEU D 17 7.39 2.28 39.02
C LEU D 17 7.79 3.25 40.13
N THR D 18 7.78 4.54 39.80
CA THR D 18 8.20 5.58 40.71
C THR D 18 6.98 6.29 41.30
N PRO D 19 7.15 6.94 42.45
CA PRO D 19 6.02 7.64 43.07
C PRO D 19 5.46 8.73 42.16
N ALA D 20 4.15 8.89 42.20
CA ALA D 20 3.48 9.93 41.46
C ALA D 20 3.46 11.24 42.25
N VAL D 21 3.18 12.34 41.55
CA VAL D 21 3.10 13.64 42.21
C VAL D 21 2.03 13.63 43.30
N GLN D 22 0.89 12.99 43.03
CA GLN D 22 -0.21 12.95 43.98
C GLN D 22 0.17 12.22 45.26
N ASP D 23 0.97 11.15 45.15
CA ASP D 23 1.47 10.47 46.35
C ASP D 23 2.38 11.37 47.16
N LEU D 24 3.42 11.93 46.52
CA LEU D 24 4.40 12.73 47.24
C LEU D 24 3.78 14.01 47.81
N TRP D 25 2.95 14.69 47.02
CA TRP D 25 2.45 15.99 47.41
C TRP D 25 1.33 15.88 48.44
N LEU D 26 0.32 15.07 48.16
CA LEU D 26 -0.88 15.05 49.00
C LEU D 26 -0.73 14.18 50.23
N ARG D 27 0.06 13.10 50.16
CA ARG D 27 0.14 12.14 51.25
C ARG D 27 1.53 12.07 51.89
N ASP D 28 2.49 12.87 51.40
CA ASP D 28 3.84 12.92 51.96
C ASP D 28 4.49 11.54 51.97
N LYS D 29 4.18 10.72 50.96
CA LYS D 29 4.71 9.37 50.89
C LYS D 29 5.18 9.07 49.47
N ALA D 30 6.13 8.16 49.37
CA ALA D 30 6.72 7.71 48.11
C ALA D 30 6.43 6.24 47.95
N THR D 31 5.59 5.88 46.98
CA THR D 31 5.15 4.51 46.78
C THR D 31 5.82 3.96 45.53
N PHE D 32 6.76 3.03 45.73
CA PHE D 32 7.46 2.38 44.64
C PHE D 32 6.78 1.05 44.34
N THR D 33 6.21 0.92 43.15
CA THR D 33 5.54 -0.30 42.73
C THR D 33 6.49 -1.08 41.82
N CYS D 34 6.86 -2.29 42.25
CA CYS D 34 7.66 -3.20 41.44
C CYS D 34 6.87 -4.47 41.21
N PHE D 35 6.59 -4.78 39.96
CA PHE D 35 5.84 -5.98 39.60
C PHE D 35 6.60 -6.76 38.53
N VAL D 36 6.31 -8.06 38.47
CA VAL D 36 6.89 -8.96 37.49
C VAL D 36 5.76 -9.59 36.69
N VAL D 37 5.99 -9.76 35.38
CA VAL D 37 5.01 -10.35 34.49
C VAL D 37 5.62 -11.61 33.89
N GLY D 38 4.88 -12.70 33.93
CA GLY D 38 5.40 -13.95 33.41
C GLY D 38 4.31 -15.00 33.27
N SER D 39 4.75 -16.25 33.15
CA SER D 39 3.86 -17.39 32.97
C SER D 39 3.64 -18.19 34.24
N ASP D 40 4.71 -18.47 34.99
CA ASP D 40 4.61 -19.24 36.24
C ASP D 40 5.42 -18.50 37.31
N LEU D 41 4.71 -17.75 38.16
CA LEU D 41 5.34 -16.91 39.17
C LEU D 41 5.31 -17.54 40.56
N LYS D 42 5.34 -18.87 40.63
CA LYS D 42 5.35 -19.55 41.92
C LYS D 42 6.57 -19.15 42.73
N ASP D 43 7.76 -19.39 42.19
CA ASP D 43 9.03 -19.17 42.89
C ASP D 43 9.67 -17.83 42.51
N ALA D 44 8.86 -16.81 42.22
CA ALA D 44 9.35 -15.47 41.95
C ALA D 44 9.07 -14.60 43.16
N HIS D 45 10.13 -13.99 43.71
CA HIS D 45 10.02 -13.16 44.90
C HIS D 45 10.72 -11.84 44.66
N LEU D 46 9.99 -10.74 44.89
CA LEU D 46 10.52 -9.39 44.72
C LEU D 46 10.95 -8.86 46.08
N THR D 47 12.23 -8.52 46.19
CA THR D 47 12.80 -7.99 47.42
C THR D 47 13.31 -6.57 47.19
N TRP D 48 13.32 -5.78 48.25
CA TRP D 48 13.64 -4.36 48.18
C TRP D 48 14.95 -4.06 48.90
N GLU D 49 15.52 -2.91 48.56
CA GLU D 49 16.67 -2.34 49.25
C GLU D 49 16.51 -0.83 49.32
N VAL D 50 16.55 -0.28 50.52
CA VAL D 50 16.47 1.16 50.74
C VAL D 50 17.83 1.63 51.26
N ALA D 51 18.47 2.51 50.50
CA ALA D 51 19.80 3.03 50.83
C ALA D 51 20.83 1.91 50.94
N GLY D 52 20.67 0.84 50.16
CA GLY D 52 21.58 -0.27 50.16
C GLY D 52 21.30 -1.36 51.17
N LYS D 53 20.27 -1.20 52.01
CA LYS D 53 19.91 -2.21 52.99
C LYS D 53 18.41 -2.49 52.92
N VAL D 54 18.03 -3.66 53.44
CA VAL D 54 16.64 -4.11 53.39
C VAL D 54 15.77 -3.14 54.18
N PRO D 55 14.58 -2.78 53.71
CA PRO D 55 13.70 -1.91 54.50
C PRO D 55 13.23 -2.61 55.76
N THR D 56 13.23 -1.86 56.87
CA THR D 56 12.74 -2.42 58.13
C THR D 56 11.23 -2.61 58.10
N GLY D 57 10.51 -1.77 57.36
CA GLY D 57 9.08 -1.89 57.25
C GLY D 57 8.56 -0.97 56.16
N GLY D 58 7.30 -1.22 55.78
CA GLY D 58 6.65 -0.45 54.74
C GLY D 58 6.47 -1.18 53.42
N VAL D 59 6.77 -2.47 53.36
CA VAL D 59 6.64 -3.25 52.15
C VAL D 59 5.34 -4.05 52.21
N GLU D 60 4.49 -3.87 51.20
CA GLU D 60 3.30 -4.70 51.02
C GLU D 60 3.40 -5.36 49.65
N GLU D 61 3.35 -6.69 49.62
CA GLU D 61 3.35 -7.45 48.38
C GLU D 61 1.95 -8.00 48.13
N GLY D 62 1.50 -7.88 46.89
CA GLY D 62 0.16 -8.28 46.53
C GLY D 62 0.05 -9.77 46.27
N LEU D 63 -1.13 -10.16 45.79
CA LEU D 63 -1.40 -11.53 45.42
C LEU D 63 -1.02 -11.77 43.95
N LEU D 64 -1.00 -13.04 43.57
CA LEU D 64 -0.68 -13.42 42.19
C LEU D 64 -1.91 -13.16 41.33
N GLU D 65 -1.95 -12.01 40.67
CA GLU D 65 -3.05 -11.69 39.79
C GLU D 65 -3.00 -12.56 38.53
N ARG D 66 -4.16 -13.09 38.14
CA ARG D 66 -4.28 -13.95 36.98
C ARG D 66 -4.97 -13.21 35.85
N HIS D 67 -4.40 -13.29 34.65
CA HIS D 67 -4.84 -12.51 33.50
C HIS D 67 -5.60 -13.39 32.51
N SER D 68 -6.44 -12.74 31.71
CA SER D 68 -7.33 -13.44 30.78
C SER D 68 -6.57 -14.07 29.61
N ASN D 69 -5.30 -13.75 29.42
CA ASN D 69 -4.52 -14.23 28.29
C ASN D 69 -3.47 -15.26 28.69
N GLY D 70 -3.55 -15.79 29.92
CA GLY D 70 -2.59 -16.75 30.41
C GLY D 70 -1.40 -16.16 31.13
N SER D 71 -1.14 -14.86 30.98
CA SER D 71 -0.04 -14.23 31.68
C SER D 71 -0.34 -14.15 33.18
N GLN D 72 0.72 -13.92 33.95
CA GLN D 72 0.62 -13.74 35.39
C GLN D 72 1.37 -12.49 35.80
N SER D 73 0.93 -11.90 36.91
CA SER D 73 1.55 -10.71 37.46
C SER D 73 1.49 -10.77 38.97
N GLN D 74 2.59 -10.36 39.61
CA GLN D 74 2.64 -10.19 41.06
C GLN D 74 3.43 -8.95 41.36
N HIS D 75 2.86 -8.05 42.16
CA HIS D 75 3.46 -6.77 42.45
C HIS D 75 3.82 -6.68 43.92
N SER D 76 5.00 -6.12 44.19
CA SER D 76 5.41 -5.73 45.52
C SER D 76 5.44 -4.20 45.58
N ARG D 77 5.09 -3.66 46.74
CA ARG D 77 4.90 -2.22 46.89
C ARG D 77 5.73 -1.73 48.07
N LEU D 78 6.60 -0.75 47.81
CA LEU D 78 7.44 -0.14 48.83
C LEU D 78 6.95 1.28 49.07
N THR D 79 6.59 1.57 50.32
CA THR D 79 6.08 2.88 50.70
C THR D 79 7.11 3.57 51.59
N LEU D 80 7.68 4.68 51.09
CA LEU D 80 8.66 5.44 51.83
C LEU D 80 8.16 6.85 52.11
N PRO D 81 8.54 7.46 53.23
CA PRO D 81 8.16 8.84 53.49
C PRO D 81 8.75 9.77 52.42
N ARG D 82 8.06 10.90 52.22
CA ARG D 82 8.54 11.87 51.23
C ARG D 82 9.92 12.39 51.59
N SER D 83 10.25 12.44 52.88
CA SER D 83 11.57 12.91 53.30
C SER D 83 12.67 12.02 52.74
N LEU D 84 12.55 10.70 52.94
CA LEU D 84 13.54 9.77 52.40
C LEU D 84 13.64 9.88 50.89
N TRP D 85 12.49 9.96 50.20
CA TRP D 85 12.51 10.17 48.75
C TRP D 85 13.20 11.47 48.39
N ASN D 86 12.78 12.57 49.01
CA ASN D 86 13.36 13.88 48.68
C ASN D 86 14.86 13.93 48.98
N ALA D 87 15.33 13.11 49.92
CA ALA D 87 16.74 13.13 50.26
C ALA D 87 17.62 12.47 49.19
N GLY D 88 17.04 11.68 48.30
CA GLY D 88 17.78 10.96 47.31
C GLY D 88 18.06 9.51 47.62
N THR D 89 17.28 8.89 48.50
CA THR D 89 17.54 7.53 48.93
C THR D 89 17.40 6.54 47.76
N SER D 90 18.32 5.60 47.68
CA SER D 90 18.30 4.61 46.60
C SER D 90 17.24 3.54 46.87
N VAL D 91 16.47 3.20 45.83
CA VAL D 91 15.46 2.17 45.90
C VAL D 91 15.78 1.10 44.86
N THR D 92 15.84 -0.16 45.30
CA THR D 92 16.22 -1.27 44.44
C THR D 92 15.20 -2.38 44.55
N CYS D 93 14.73 -2.88 43.41
CA CYS D 93 13.89 -4.06 43.34
C CYS D 93 14.66 -5.19 42.69
N THR D 94 14.53 -6.40 43.24
CA THR D 94 15.29 -7.55 42.78
C THR D 94 14.36 -8.72 42.53
N LEU D 95 14.32 -9.18 41.28
CA LEU D 95 13.53 -10.35 40.90
C LEU D 95 14.36 -11.61 41.21
N ASN D 96 14.00 -12.32 42.26
CA ASN D 96 14.70 -13.53 42.67
C ASN D 96 13.92 -14.73 42.16
N HIS D 97 14.50 -15.45 41.20
CA HIS D 97 13.93 -16.67 40.65
C HIS D 97 15.01 -17.75 40.65
N PRO D 98 14.66 -19.01 40.93
CA PRO D 98 15.67 -20.07 40.89
C PRO D 98 16.31 -20.26 39.52
N SER D 99 15.50 -20.35 38.46
CA SER D 99 16.02 -20.63 37.12
C SER D 99 16.71 -19.44 36.48
N LEU D 100 16.62 -18.26 37.07
CA LEU D 100 17.02 -17.01 36.43
C LEU D 100 17.89 -16.17 37.36
N PRO D 101 18.69 -15.26 36.82
CA PRO D 101 19.53 -14.43 37.67
C PRO D 101 18.70 -13.39 38.39
N PRO D 102 19.27 -12.74 39.42
CA PRO D 102 18.59 -11.57 40.00
C PRO D 102 18.56 -10.44 39.00
N GLN D 103 17.37 -9.93 38.70
CA GLN D 103 17.20 -8.79 37.81
C GLN D 103 16.82 -7.60 38.68
N ARG D 104 17.70 -6.61 38.73
CA ARG D 104 17.52 -5.45 39.60
C ARG D 104 17.13 -4.24 38.78
N LEU D 105 16.28 -3.39 39.39
CA LEU D 105 15.92 -2.10 38.84
C LEU D 105 16.26 -1.03 39.86
N MET D 106 16.74 0.12 39.38
CA MET D 106 17.32 1.16 40.22
C MET D 106 16.52 2.45 40.08
N ALA D 107 15.84 2.84 41.16
CA ALA D 107 15.24 4.17 41.27
C ALA D 107 16.20 5.02 42.08
N LEU D 108 17.23 5.52 41.41
CA LEU D 108 18.28 6.31 42.04
C LEU D 108 18.05 7.79 41.79
N ARG D 109 18.64 8.60 42.65
CA ARG D 109 18.88 10.01 42.33
C ARG D 109 20.12 10.01 41.44
N GLU D 110 19.89 9.97 40.13
CA GLU D 110 20.99 9.88 39.18
C GLU D 110 21.86 11.12 39.30
N PRO D 111 23.19 10.95 39.45
CA PRO D 111 24.06 12.14 39.55
C PRO D 111 24.01 13.02 38.31
N ALA D 112 23.86 12.42 37.13
CA ALA D 112 23.78 13.20 35.89
C ALA D 112 22.45 13.93 35.75
N ALA D 113 21.49 13.68 36.63
CA ALA D 113 20.18 14.30 36.51
C ALA D 113 20.24 15.79 36.82
N GLN D 114 19.33 16.54 36.22
CA GLN D 114 19.26 17.99 36.37
C GLN D 114 17.93 18.36 37.02
N ALA D 115 17.99 19.12 38.10
CA ALA D 115 16.78 19.60 38.75
C ALA D 115 16.16 20.72 37.93
N PRO D 116 14.84 20.70 37.69
CA PRO D 116 14.20 21.80 36.97
C PRO D 116 14.42 23.12 37.70
N VAL D 117 14.61 24.18 36.91
CA VAL D 117 15.00 25.48 37.47
C VAL D 117 13.87 26.04 38.32
N LYS D 118 12.74 26.37 37.70
CA LYS D 118 11.63 26.95 38.43
C LYS D 118 10.36 26.73 37.63
N LEU D 119 9.22 26.94 38.29
CA LEU D 119 7.90 26.80 37.69
C LEU D 119 7.24 28.15 37.53
N SER D 120 6.79 28.45 36.32
CA SER D 120 5.94 29.60 36.09
C SER D 120 4.47 29.15 36.12
N LEU D 121 3.61 30.06 36.56
CA LEU D 121 2.17 29.80 36.57
C LEU D 121 1.46 31.11 36.32
N ASN D 122 0.78 31.22 35.18
CA ASN D 122 0.16 32.47 34.75
C ASN D 122 -1.19 32.16 34.12
N LEU D 123 -1.78 33.18 33.51
CA LEU D 123 -3.03 33.08 32.78
C LEU D 123 -2.75 33.38 31.31
N LEU D 124 -3.15 32.46 30.43
CA LEU D 124 -2.95 32.72 29.03
C LEU D 124 -4.04 33.62 28.47
N ALA D 125 -5.30 33.36 28.84
CA ALA D 125 -6.42 34.22 28.49
C ALA D 125 -7.73 33.81 29.17
N SER D 126 -8.84 34.29 28.62
CA SER D 126 -10.17 33.96 29.08
C SER D 126 -10.98 33.40 27.92
N SER D 127 -12.20 32.95 28.23
CA SER D 127 -13.07 32.36 27.22
C SER D 127 -14.52 32.61 27.62
N ASP D 128 -15.37 32.77 26.61
CA ASP D 128 -16.78 33.04 26.86
C ASP D 128 -17.67 32.32 25.85
N GLU D 131 -20.33 28.99 27.72
CA GLU D 131 -19.08 28.37 27.31
C GLU D 131 -17.89 29.10 27.93
N ALA D 132 -18.13 29.78 29.05
CA ALA D 132 -17.08 30.56 29.70
C ALA D 132 -16.03 29.65 30.31
N ALA D 133 -14.78 30.11 30.28
CA ALA D 133 -13.65 29.31 30.78
C ALA D 133 -12.47 30.22 31.07
N SER D 134 -11.55 29.70 31.87
CA SER D 134 -10.28 30.37 32.17
C SER D 134 -9.15 29.38 31.98
N TRP D 135 -8.02 29.86 31.47
CA TRP D 135 -6.89 29.01 31.12
C TRP D 135 -5.66 29.44 31.92
N LEU D 136 -5.17 28.56 32.79
CA LEU D 136 -3.91 28.75 33.48
C LEU D 136 -2.82 27.94 32.79
N LEU D 137 -1.58 28.45 32.85
CA LEU D 137 -0.45 27.80 32.22
C LEU D 137 0.65 27.57 33.25
N CYS D 138 1.24 26.37 33.21
CA CYS D 138 2.34 26.00 34.09
C CYS D 138 3.54 25.61 33.22
N GLU D 139 4.68 26.24 33.48
CA GLU D 139 5.89 26.02 32.69
C GLU D 139 6.98 25.44 33.57
N VAL D 140 7.73 24.47 33.02
CA VAL D 140 8.87 23.85 33.69
C VAL D 140 10.03 23.83 32.70
N SER D 141 11.24 24.06 33.22
CA SER D 141 12.40 24.11 32.35
C SER D 141 13.66 23.79 33.15
N GLY D 142 14.72 23.42 32.43
CA GLY D 142 16.01 23.22 33.04
C GLY D 142 16.25 21.89 33.70
N PHE D 143 15.69 20.80 33.17
CA PHE D 143 15.80 19.49 33.78
C PHE D 143 16.26 18.47 32.75
N SER D 144 16.73 17.32 33.25
CA SER D 144 17.21 16.22 32.43
C SER D 144 17.33 15.00 33.33
N PRO D 145 16.86 13.82 32.90
CA PRO D 145 16.17 13.51 31.64
C PRO D 145 14.71 14.00 31.63
N PRO D 146 14.03 13.96 30.46
CA PRO D 146 12.78 14.71 30.32
C PRO D 146 11.56 14.14 31.02
N ASN D 147 11.72 13.15 31.89
CA ASN D 147 10.58 12.49 32.50
C ASN D 147 10.10 13.31 33.70
N ILE D 148 9.02 14.06 33.50
CA ILE D 148 8.42 14.87 34.54
C ILE D 148 6.92 14.61 34.56
N LEU D 149 6.33 14.69 35.75
CA LEU D 149 4.90 14.55 35.93
C LEU D 149 4.34 15.85 36.48
N LEU D 150 3.23 16.30 35.93
CA LEU D 150 2.58 17.53 36.36
C LEU D 150 1.17 17.23 36.83
N MET D 151 0.77 17.86 37.92
CA MET D 151 -0.59 17.79 38.42
C MET D 151 -1.05 19.19 38.82
N TRP D 152 -2.31 19.47 38.54
CA TRP D 152 -2.93 20.72 38.95
C TRP D 152 -3.80 20.49 40.18
N LEU D 153 -3.85 21.51 41.03
CA LEU D 153 -4.67 21.47 42.22
C LEU D 153 -5.47 22.77 42.32
N GLU D 154 -6.79 22.63 42.39
CA GLU D 154 -7.71 23.72 42.68
C GLU D 154 -8.09 23.68 44.15
N ASP D 155 -7.92 24.81 44.84
CA ASP D 155 -8.01 24.86 46.30
C ASP D 155 -6.99 23.86 46.84
N GLN D 156 -7.43 22.88 47.64
CA GLN D 156 -6.59 21.77 48.09
C GLN D 156 -6.89 20.47 47.35
N ARG D 157 -7.75 20.52 46.33
CA ARG D 157 -8.20 19.34 45.60
C ARG D 157 -7.58 19.30 44.21
N GLU D 158 -7.55 18.10 43.64
CA GLU D 158 -6.82 17.81 42.43
C GLU D 158 -7.76 17.77 41.22
N VAL D 159 -7.39 18.52 40.18
CA VAL D 159 -8.18 18.58 38.95
C VAL D 159 -7.41 17.89 37.83
N ASN D 160 -8.14 17.26 36.93
CA ASN D 160 -7.56 16.47 35.85
C ASN D 160 -7.99 16.96 34.47
N THR D 161 -8.39 18.22 34.35
CA THR D 161 -8.81 18.80 33.07
C THR D 161 -7.66 19.45 32.33
N SER D 162 -6.43 19.06 32.61
CA SER D 162 -5.27 19.75 32.04
C SER D 162 -4.93 19.22 30.66
N GLY D 163 -4.31 20.09 29.86
CA GLY D 163 -3.74 19.70 28.59
C GLY D 163 -2.22 19.74 28.66
N PHE D 164 -1.61 18.58 28.90
CA PHE D 164 -0.18 18.50 29.17
C PHE D 164 0.62 18.33 27.88
N ALA D 165 1.73 19.05 27.78
CA ALA D 165 2.63 18.96 26.65
C ALA D 165 3.90 18.25 27.06
N PRO D 166 4.36 17.25 26.30
CA PRO D 166 5.57 16.51 26.69
C PRO D 166 6.83 17.34 26.56
N ALA D 167 7.98 16.73 26.84
CA ALA D 167 9.26 17.42 26.85
C ALA D 167 10.13 16.94 25.68
N ARG D 168 10.59 17.90 24.88
CA ARG D 168 11.46 17.68 23.74
C ARG D 168 12.42 18.87 23.71
N PRO D 169 13.72 18.65 23.49
CA PRO D 169 14.72 19.72 23.55
C PRO D 169 14.40 20.92 22.66
N SER D 175 20.30 21.68 23.48
CA SER D 175 20.81 22.00 24.81
C SER D 175 20.68 20.80 25.74
N THR D 176 21.34 20.89 26.91
CA THR D 176 21.33 19.78 27.85
C THR D 176 19.98 19.66 28.56
N THR D 177 19.23 20.74 28.66
CA THR D 177 18.00 20.77 29.43
C THR D 177 16.78 20.66 28.53
N PHE D 178 15.72 20.07 29.09
CA PHE D 178 14.41 19.99 28.46
C PHE D 178 13.44 20.92 29.17
N TRP D 179 12.28 21.12 28.55
CA TRP D 179 11.25 21.94 29.16
C TRP D 179 9.88 21.47 28.70
N ALA D 180 8.93 21.44 29.63
CA ALA D 180 7.57 21.00 29.36
C ALA D 180 6.59 21.98 29.99
N TRP D 181 5.36 21.96 29.48
CA TRP D 181 4.33 22.86 29.95
C TRP D 181 2.97 22.17 29.93
N SER D 182 1.99 22.81 30.57
CA SER D 182 0.65 22.28 30.65
C SER D 182 -0.32 23.44 30.89
N VAL D 183 -1.47 23.39 30.24
CA VAL D 183 -2.50 24.41 30.39
C VAL D 183 -3.73 23.77 31.04
N LEU D 184 -4.32 24.48 31.99
CA LEU D 184 -5.46 23.99 32.75
C LEU D 184 -6.74 24.66 32.28
N ARG D 185 -7.77 23.86 32.01
CA ARG D 185 -9.08 24.34 31.61
C ARG D 185 -10.01 24.31 32.82
N VAL D 186 -10.57 25.46 33.17
CA VAL D 186 -11.42 25.58 34.36
C VAL D 186 -12.49 26.65 34.09
N PRO D 187 -13.76 26.40 34.46
CA PRO D 187 -14.82 27.39 34.25
C PRO D 187 -14.60 28.68 35.01
N ALA D 195 -10.73 31.40 44.24
CA ALA D 195 -9.92 30.25 44.64
C ALA D 195 -8.49 30.39 44.11
N THR D 196 -7.59 29.59 44.66
CA THR D 196 -6.18 29.62 44.28
C THR D 196 -5.76 28.27 43.70
N TYR D 197 -5.03 28.33 42.59
CA TYR D 197 -4.55 27.14 41.90
C TYR D 197 -3.05 26.99 42.05
N THR D 198 -2.60 25.75 42.24
CA THR D 198 -1.18 25.40 42.29
C THR D 198 -0.93 24.19 41.41
N CYS D 199 0.11 24.27 40.57
CA CYS D 199 0.59 23.14 39.79
C CYS D 199 1.85 22.58 40.44
N VAL D 200 1.82 21.29 40.76
CA VAL D 200 2.97 20.61 41.36
C VAL D 200 3.66 19.79 40.27
N VAL D 201 4.99 19.74 40.34
CA VAL D 201 5.82 19.14 39.30
C VAL D 201 6.86 18.26 39.96
N SER D 202 6.97 17.01 39.51
CA SER D 202 7.84 16.01 40.12
C SER D 202 8.80 15.48 39.07
N HIS D 203 10.10 15.71 39.30
CA HIS D 203 11.17 15.13 38.49
C HIS D 203 11.84 14.04 39.33
N GLU D 204 11.70 12.79 38.91
CA GLU D 204 12.13 11.68 39.75
C GLU D 204 13.65 11.59 39.82
N ASP D 205 14.32 11.73 38.67
CA ASP D 205 15.75 11.45 38.60
C ASP D 205 16.54 12.42 39.48
N SER D 206 16.23 13.70 39.38
CA SER D 206 16.69 14.71 40.33
C SER D 206 15.52 14.93 41.29
N ARG D 207 15.48 14.12 42.36
CA ARG D 207 14.29 14.00 43.21
C ARG D 207 13.83 15.34 43.75
N THR D 208 13.39 16.21 42.84
CA THR D 208 12.84 17.51 43.15
C THR D 208 11.33 17.49 42.95
N LEU D 209 10.62 18.13 43.88
CA LEU D 209 9.19 18.33 43.79
C LEU D 209 8.95 19.83 43.91
N LEU D 210 8.48 20.43 42.82
CA LEU D 210 8.37 21.88 42.69
C LEU D 210 6.91 22.28 42.62
N ASN D 211 6.50 23.17 43.52
CA ASN D 211 5.17 23.77 43.46
C ASN D 211 5.24 25.24 43.10
N ALA D 212 4.20 25.70 42.41
CA ALA D 212 3.99 27.10 42.11
C ALA D 212 2.51 27.39 42.30
N SER D 213 2.22 28.50 42.98
CA SER D 213 0.86 28.81 43.42
C SER D 213 0.36 30.08 42.75
N ARG D 214 -0.96 30.12 42.51
CA ARG D 214 -1.62 31.29 41.95
C ARG D 214 -3.14 31.13 42.05
#